data_7OTG
#
_entry.id   7OTG
#
loop_
_entity.id
_entity.type
_entity.pdbx_description
1 polymer 'Multidrug resistance protein 1A'
2 non-polymer N-(2,4-di-tert-butyl-5-hydroxyphenyl)-4-oxo-1,4-dihydroquinoline-3-carboxamide
#
_entity_poly.entity_id   1
_entity_poly.type   'polypeptide(L)'
_entity_poly.pdbx_seq_one_letter_code
;MELEEDLKGRADKNFSKMGKKSKKEKKEKKPAVSVLTMFRYAGWLDRLYMLVGTLAAIIHGVALPLMMLIFGDMTDSFAS
VGNVSKNSTNMSEADKRAMFAKLEEEMTTYAYYYTGIGAGVLIVAYIQVSFWCLAAGRQIHKIRQKFFHAIMNQEIGWFD
VHDVGELNTRLTDDVSKINEGIGDKIGMFFQAMATFFGGFIIGFTRGWKLTLVILAISPVLGLSAGIWAKILSSFTDKEL
HAYAKAGAVAEEVLAAIRTVIAFGGQKKELERYNNNLEEAKRLGIKKAITANISMGAAFLLIYASYALAFWYGTSLVISK
EYSIGQVLTVFFSVLIGAFSVGQASPNIEAFANARGAAYEVFKIIDNKPSIDSFSKSGHKPDNIQGNLEFKNIHFSYPSR
KEVQILKGLNLKVKSGQTVALVGNSGCGKSTTVQLMQRLYDPLDGMVSIDGQDIRTINVRYLREIIGVVSQEPVLFATTI
AENIRYGREDVTMDEIEKAVKEANAYDFIMKLPHQFDTLVGERGAQLSGGQKQRIAIARALVRNPKILLLDEATSALDTE
SEAVVQAALDKAREGRTTIVIAHRLSTVRNADVIAGFDGGVIVEQGNHDELMREKGIYFKLVMTQTAGNEIELGNEACKS
KDEIDNLDMSSKDSGSSLIRRRSTRKSICGPHDQDRKLSTKEALDEDVPPASFWRILKLNSTEWPYFVVGIFCAIINGGL
QPAFSVIFSKVVGVFTNGGPPETQRQNSNLFSLLFLILGIISFITFFLQGFTFGKAGEILTKRLRYMVFKSMLRQDVSWF
DDPKNTTGALTTRLANDAAQVKGATGSRLAVIFQNIANLGTGIIISLIYGWQLTLLLLAIVPIIAIAGVVEMKMLSGQAL
KDKKELEGSGKIATEAIENFRTVVSLTREQKFETMYAQSLQIPYRNAMKKAHVFGITFSFTQAMMYFSYAACFRFGAYLV
TQQLMTFENVLLVFSAIVFGAMAVGQVSSFAPDYAKATVSASHIIRIIEKTPEIDSYSTQGLKPNMLEGNVQFSGVVFNY
PTRPSIPVLQGLSLEVKKGQTLALVGSSGCGKSTVVQLLERFYDPMAGSVFLDGKEIKQLNVQWLRAQLGIVSQEPILFD
CSIAENIAYGDNSRVVSYEEIVRAAKEANIHQFIDSLPDKYNTRVGDKGTQLSGGQKQRIAIARALVRQPHILLLDEATS
ALDTESEKVVQEALDKAREGRTCIVIAHRLSTIQNADLIVVIQNGKVKEHGTHQQLLAQKGIYFSMVSVQAGAKRSLEHH
HHHH
;
_entity_poly.pdbx_strand_id   A
#
loop_
_chem_comp.id
_chem_comp.type
_chem_comp.name
_chem_comp.formula
VX7 non-polymer N-(2,4-di-tert-butyl-5-hydroxyphenyl)-4-oxo-1,4-dihydroquinoline-3-carboxamide 'C24 H28 N2 O3'
#
# COMPACT_ATOMS: atom_id res chain seq x y z
N VAL A 33 -10.50 -0.77 34.71
CA VAL A 33 -10.09 -2.11 34.20
C VAL A 33 -9.06 -1.94 33.08
N SER A 34 -8.40 -3.01 32.61
CA SER A 34 -7.52 -2.93 31.44
C SER A 34 -8.33 -2.92 30.13
N VAL A 35 -7.77 -2.37 29.06
CA VAL A 35 -8.31 -2.53 27.69
C VAL A 35 -8.46 -4.02 27.33
N LEU A 36 -7.51 -4.86 27.77
CA LEU A 36 -7.55 -6.31 27.58
C LEU A 36 -8.68 -7.00 28.37
N THR A 37 -9.21 -6.37 29.42
CA THR A 37 -10.39 -6.86 30.15
C THR A 37 -11.66 -6.79 29.29
N MET A 38 -11.71 -5.84 28.35
CA MET A 38 -12.80 -5.72 27.37
C MET A 38 -12.61 -6.66 26.17
N PHE A 39 -11.36 -6.95 25.75
CA PHE A 39 -11.10 -8.00 24.75
C PHE A 39 -11.38 -9.41 25.29
N ARG A 40 -10.74 -9.83 26.41
CA ARG A 40 -10.96 -11.14 27.05
C ARG A 40 -12.26 -11.19 27.89
N TYR A 41 -13.33 -10.54 27.44
CA TYR A 41 -14.59 -10.40 28.18
C TYR A 41 -15.53 -11.63 28.10
N ALA A 42 -16.54 -11.67 28.97
CA ALA A 42 -17.62 -12.68 29.02
C ALA A 42 -17.14 -14.15 29.16
N GLY A 43 -18.05 -15.11 29.00
CA GLY A 43 -17.76 -16.55 29.08
C GLY A 43 -17.35 -17.03 30.48
N TRP A 44 -16.93 -18.30 30.57
CA TRP A 44 -16.44 -18.94 31.80
C TRP A 44 -15.10 -19.64 31.53
N LEU A 45 -15.09 -20.86 30.98
CA LEU A 45 -13.90 -21.58 30.54
C LEU A 45 -13.10 -20.80 29.49
N ASP A 46 -13.80 -19.98 28.70
CA ASP A 46 -13.27 -19.03 27.71
C ASP A 46 -12.24 -18.07 28.33
N ARG A 47 -12.40 -17.71 29.61
CA ARG A 47 -11.42 -16.94 30.40
C ARG A 47 -10.48 -17.84 31.21
N LEU A 48 -11.00 -18.91 31.84
CA LEU A 48 -10.19 -19.75 32.73
C LEU A 48 -9.04 -20.47 32.00
N TYR A 49 -9.24 -20.94 30.76
CA TYR A 49 -8.17 -21.63 30.02
C TYR A 49 -7.02 -20.67 29.63
N MET A 50 -7.25 -19.35 29.61
CA MET A 50 -6.17 -18.36 29.45
C MET A 50 -5.14 -18.45 30.58
N LEU A 51 -5.58 -18.80 31.79
CA LEU A 51 -4.70 -19.00 32.95
C LEU A 51 -3.87 -20.29 32.78
N VAL A 52 -4.50 -21.36 32.30
CA VAL A 52 -3.85 -22.66 32.01
C VAL A 52 -2.76 -22.49 30.93
N GLY A 53 -3.06 -21.77 29.86
CA GLY A 53 -2.08 -21.44 28.81
C GLY A 53 -0.96 -20.53 29.29
N THR A 54 -1.24 -19.59 30.19
CA THR A 54 -0.23 -18.73 30.82
C THR A 54 0.73 -19.55 31.69
N LEU A 55 0.20 -20.48 32.51
CA LEU A 55 1.01 -21.41 33.30
C LEU A 55 1.88 -22.31 32.40
N ALA A 56 1.32 -22.83 31.31
CA ALA A 56 2.08 -23.62 30.34
C ALA A 56 3.24 -22.81 29.73
N ALA A 57 3.02 -21.56 29.34
CA ALA A 57 4.06 -20.67 28.83
C ALA A 57 5.18 -20.41 29.86
N ILE A 58 4.85 -20.21 31.14
CA ILE A 58 5.84 -20.08 32.23
C ILE A 58 6.70 -21.35 32.34
N ILE A 59 6.08 -22.54 32.40
CA ILE A 59 6.82 -23.81 32.50
C ILE A 59 7.67 -24.06 31.24
N HIS A 60 7.15 -23.74 30.05
CA HIS A 60 7.88 -23.81 28.78
C HIS A 60 9.10 -22.88 28.76
N GLY A 61 9.04 -21.73 29.43
CA GLY A 61 10.17 -20.83 29.63
C GLY A 61 11.21 -21.34 30.62
N VAL A 62 10.77 -21.91 31.76
CA VAL A 62 11.65 -22.53 32.79
C VAL A 62 12.37 -23.78 32.29
N ALA A 63 11.77 -24.53 31.37
CA ALA A 63 12.39 -25.73 30.78
C ALA A 63 13.68 -25.42 29.99
N LEU A 64 13.82 -24.22 29.40
CA LEU A 64 14.99 -23.88 28.59
C LEU A 64 16.28 -23.72 29.43
N PRO A 65 16.28 -23.03 30.60
CA PRO A 65 17.39 -23.11 31.55
C PRO A 65 17.67 -24.53 32.07
N LEU A 66 16.65 -25.37 32.26
CA LEU A 66 16.84 -26.76 32.72
C LEU A 66 17.53 -27.66 31.67
N MET A 67 17.30 -27.44 30.38
CA MET A 67 18.09 -28.10 29.32
C MET A 67 19.56 -27.67 29.32
N MET A 68 19.85 -26.41 29.66
CA MET A 68 21.24 -25.93 29.83
C MET A 68 21.87 -26.51 31.10
N LEU A 69 21.11 -26.62 32.19
CA LEU A 69 21.57 -27.06 33.51
C LEU A 69 22.26 -28.42 33.45
N ILE A 70 21.61 -29.45 32.89
CA ILE A 70 22.16 -30.81 32.79
C ILE A 70 23.46 -30.91 31.98
N PHE A 71 23.61 -30.13 30.90
CA PHE A 71 24.88 -30.09 30.16
C PHE A 71 26.00 -29.45 31.01
N GLY A 72 25.63 -28.53 31.89
CA GLY A 72 26.48 -28.04 32.97
C GLY A 72 26.77 -29.11 34.04
N ASP A 73 25.77 -29.84 34.53
CA ASP A 73 25.92 -30.85 35.59
C ASP A 73 26.93 -31.94 35.16
N MET A 74 26.82 -32.41 33.92
CA MET A 74 27.81 -33.27 33.27
C MET A 74 29.22 -32.64 33.23
N THR A 75 29.31 -31.32 33.04
CA THR A 75 30.59 -30.60 32.98
C THR A 75 31.28 -30.52 34.35
N ASP A 76 30.57 -30.41 35.48
CA ASP A 76 31.17 -30.55 36.81
C ASP A 76 31.77 -31.95 37.02
N SER A 77 30.98 -32.99 36.70
CA SER A 77 31.43 -34.38 36.84
C SER A 77 32.63 -34.70 35.93
N PHE A 78 32.56 -34.32 34.65
CA PHE A 78 33.63 -34.54 33.69
C PHE A 78 34.88 -33.70 33.98
N ALA A 79 34.75 -32.50 34.54
CA ALA A 79 35.90 -31.73 35.03
C ALA A 79 36.58 -32.37 36.25
N SER A 80 35.85 -33.12 37.08
CA SER A 80 36.45 -33.94 38.14
C SER A 80 37.14 -35.19 37.55
N VAL A 81 36.39 -36.03 36.82
CA VAL A 81 36.88 -37.28 36.22
C VAL A 81 38.08 -37.05 35.29
N GLY A 82 37.99 -36.05 34.41
CA GLY A 82 39.03 -35.73 33.43
C GLY A 82 40.32 -35.25 34.06
N ASN A 83 40.27 -34.38 35.08
CA ASN A 83 41.46 -33.90 35.77
C ASN A 83 42.06 -34.93 36.74
N VAL A 84 41.25 -35.74 37.44
CA VAL A 84 41.76 -36.87 38.25
C VAL A 84 42.45 -37.92 37.38
N SER A 85 41.95 -38.16 36.16
CA SER A 85 42.64 -38.97 35.14
C SER A 85 44.04 -38.42 34.75
N LYS A 86 44.40 -37.17 35.10
CA LYS A 86 45.75 -36.60 34.94
C LYS A 86 46.47 -36.30 36.26
N ASN A 87 45.91 -36.66 37.42
CA ASN A 87 46.35 -36.19 38.73
C ASN A 87 46.09 -37.26 39.81
N SER A 88 47.15 -37.94 40.26
CA SER A 88 47.06 -39.16 41.07
C SER A 88 46.31 -40.29 40.35
N THR A 89 46.54 -40.40 39.03
CA THR A 89 45.86 -41.33 38.12
C THR A 89 46.06 -42.79 38.56
N ASN A 90 44.98 -43.57 38.53
CA ASN A 90 45.03 -45.02 38.71
C ASN A 90 45.66 -45.68 37.45
N MET A 91 46.99 -45.74 37.44
CA MET A 91 47.81 -46.12 36.28
C MET A 91 47.53 -45.18 35.09
N SER A 92 46.98 -45.70 33.98
CA SER A 92 46.44 -44.93 32.86
C SER A 92 45.36 -45.75 32.11
N GLU A 93 44.63 -46.58 32.86
CA GLU A 93 43.59 -47.48 32.36
C GLU A 93 42.67 -47.98 33.49
N ALA A 94 43.16 -48.08 34.73
CA ALA A 94 42.30 -48.35 35.88
C ALA A 94 41.46 -47.10 36.27
N ASP A 95 41.95 -45.88 36.03
CA ASP A 95 41.13 -44.66 36.05
C ASP A 95 40.05 -44.72 34.96
N LYS A 96 40.43 -45.13 33.74
CA LYS A 96 39.54 -45.36 32.60
C LYS A 96 38.52 -46.50 32.79
N ARG A 97 38.46 -47.11 33.98
CA ARG A 97 37.48 -48.11 34.39
C ARG A 97 36.74 -47.64 35.65
N ALA A 98 37.45 -47.34 36.73
CA ALA A 98 36.85 -46.91 38.00
C ALA A 98 36.13 -45.56 37.89
N MET A 99 36.78 -44.54 37.32
CA MET A 99 36.17 -43.20 37.18
C MET A 99 35.07 -43.21 36.11
N PHE A 100 35.25 -43.99 35.04
CA PHE A 100 34.32 -44.04 33.92
C PHE A 100 33.07 -44.89 34.22
N ALA A 101 33.16 -45.89 35.10
CA ALA A 101 31.98 -46.60 35.61
C ALA A 101 31.01 -45.62 36.30
N LYS A 102 31.52 -44.74 37.19
CA LYS A 102 30.71 -43.68 37.82
C LYS A 102 30.14 -42.69 36.80
N LEU A 103 30.88 -42.37 35.74
CA LEU A 103 30.43 -41.44 34.69
C LEU A 103 29.28 -42.03 33.85
N GLU A 104 29.30 -43.33 33.56
CA GLU A 104 28.24 -44.01 32.79
C GLU A 104 27.05 -44.48 33.65
N GLU A 105 27.28 -44.79 34.92
CA GLU A 105 26.24 -44.88 35.95
C GLU A 105 25.44 -43.56 36.00
N GLU A 106 26.15 -42.45 36.19
CA GLU A 106 25.59 -41.10 36.17
C GLU A 106 24.89 -40.78 34.85
N MET A 107 25.52 -41.03 33.70
CA MET A 107 24.91 -40.79 32.38
C MET A 107 23.62 -41.60 32.18
N THR A 108 23.55 -42.79 32.76
CA THR A 108 22.33 -43.61 32.76
C THR A 108 21.22 -42.97 33.60
N THR A 109 21.53 -42.26 34.70
CA THR A 109 20.55 -41.41 35.42
C THR A 109 20.20 -40.12 34.67
N TYR A 110 21.19 -39.46 34.04
CA TYR A 110 20.99 -38.29 33.19
C TYR A 110 20.03 -38.60 32.04
N ALA A 111 20.11 -39.81 31.48
CA ALA A 111 19.20 -40.29 30.45
C ALA A 111 17.72 -40.26 30.86
N TYR A 112 17.40 -40.35 32.16
CA TYR A 112 16.05 -40.08 32.67
C TYR A 112 15.77 -38.57 32.71
N TYR A 113 16.67 -37.80 33.33
CA TYR A 113 16.55 -36.34 33.57
C TYR A 113 16.30 -35.56 32.27
N TYR A 114 17.17 -35.62 31.26
CA TYR A 114 16.95 -34.87 30.00
C TYR A 114 15.77 -35.41 29.17
N THR A 115 15.40 -36.69 29.31
CA THR A 115 14.18 -37.23 28.67
C THR A 115 12.90 -36.70 29.33
N GLY A 116 12.89 -36.53 30.65
CA GLY A 116 11.77 -35.95 31.40
C GLY A 116 11.51 -34.49 31.02
N ILE A 117 12.56 -33.66 30.92
CA ILE A 117 12.43 -32.28 30.42
C ILE A 117 11.92 -32.26 28.97
N GLY A 118 12.40 -33.19 28.12
CA GLY A 118 11.90 -33.40 26.77
C GLY A 118 10.40 -33.70 26.70
N ALA A 119 9.93 -34.68 27.47
CA ALA A 119 8.50 -35.00 27.57
C ALA A 119 7.66 -33.80 28.06
N GLY A 120 8.21 -33.01 28.99
CA GLY A 120 7.58 -31.78 29.48
C GLY A 120 7.34 -30.73 28.40
N VAL A 121 8.37 -30.34 27.64
CA VAL A 121 8.25 -29.29 26.60
C VAL A 121 7.29 -29.68 25.47
N LEU A 122 7.23 -30.96 25.10
CA LEU A 122 6.26 -31.49 24.12
C LEU A 122 4.81 -31.21 24.55
N ILE A 123 4.49 -31.38 25.84
CA ILE A 123 3.14 -31.20 26.38
C ILE A 123 2.80 -29.70 26.50
N VAL A 124 3.63 -28.91 27.17
CA VAL A 124 3.29 -27.49 27.44
C VAL A 124 3.24 -26.63 26.17
N ALA A 125 3.98 -26.99 25.12
CA ALA A 125 3.85 -26.39 23.79
C ALA A 125 2.43 -26.51 23.24
N TYR A 126 1.83 -27.72 23.29
CA TYR A 126 0.46 -27.93 22.83
C TYR A 126 -0.57 -27.23 23.74
N ILE A 127 -0.38 -27.22 25.07
CA ILE A 127 -1.28 -26.49 25.98
C ILE A 127 -1.24 -24.97 25.73
N GLN A 128 -0.05 -24.40 25.46
CA GLN A 128 0.09 -22.99 25.07
C GLN A 128 -0.64 -22.70 23.74
N VAL A 129 -0.47 -23.54 22.71
CA VAL A 129 -1.16 -23.38 21.42
C VAL A 129 -2.69 -23.59 21.53
N SER A 130 -3.14 -24.49 22.41
CA SER A 130 -4.56 -24.69 22.74
C SER A 130 -5.17 -23.41 23.33
N PHE A 131 -4.42 -22.70 24.18
CA PHE A 131 -4.81 -21.35 24.63
C PHE A 131 -4.89 -20.36 23.45
N TRP A 132 -3.82 -20.25 22.65
CA TRP A 132 -3.73 -19.32 21.53
C TRP A 132 -4.85 -19.48 20.50
N CYS A 133 -5.21 -20.71 20.14
CA CYS A 133 -6.24 -20.98 19.13
C CYS A 133 -7.63 -21.26 19.73
N LEU A 134 -7.78 -22.21 20.66
CA LEU A 134 -9.08 -22.69 21.11
C LEU A 134 -9.70 -21.79 22.20
N ALA A 135 -8.92 -21.33 23.18
CA ALA A 135 -9.42 -20.41 24.22
C ALA A 135 -9.71 -19.01 23.64
N ALA A 136 -8.80 -18.46 22.83
CA ALA A 136 -9.06 -17.23 22.09
C ALA A 136 -10.26 -17.38 21.14
N GLY A 137 -10.31 -18.46 20.36
CA GLY A 137 -11.44 -18.77 19.47
C GLY A 137 -12.80 -18.83 20.19
N ARG A 138 -12.83 -19.40 21.41
CA ARG A 138 -14.02 -19.43 22.28
C ARG A 138 -14.52 -18.03 22.68
N GLN A 139 -13.71 -16.98 22.63
CA GLN A 139 -14.17 -15.59 22.76
C GLN A 139 -14.42 -14.94 21.39
N ILE A 140 -13.48 -15.09 20.45
CA ILE A 140 -13.47 -14.46 19.12
C ILE A 140 -14.68 -14.82 18.25
N HIS A 141 -15.21 -16.06 18.32
CA HIS A 141 -16.45 -16.42 17.62
C HIS A 141 -17.61 -15.49 18.04
N LYS A 142 -17.88 -15.39 19.35
CA LYS A 142 -18.94 -14.52 19.89
C LYS A 142 -18.65 -13.03 19.68
N ILE A 143 -17.39 -12.63 19.69
CA ILE A 143 -16.99 -11.25 19.32
C ILE A 143 -17.36 -10.94 17.86
N ARG A 144 -17.08 -11.85 16.90
CA ARG A 144 -17.51 -11.68 15.50
C ARG A 144 -19.03 -11.70 15.33
N GLN A 145 -19.72 -12.61 16.03
CA GLN A 145 -21.17 -12.73 16.03
C GLN A 145 -21.84 -11.41 16.49
N LYS A 146 -21.49 -10.95 17.70
CA LYS A 146 -21.99 -9.69 18.25
C LYS A 146 -21.41 -8.45 17.56
N PHE A 147 -20.37 -8.55 16.72
CA PHE A 147 -19.92 -7.48 15.83
C PHE A 147 -20.89 -7.28 14.65
N PHE A 148 -21.24 -8.33 13.90
CA PHE A 148 -22.23 -8.18 12.82
C PHE A 148 -23.58 -7.69 13.37
N HIS A 149 -24.05 -8.27 14.48
CA HIS A 149 -25.25 -7.79 15.17
C HIS A 149 -25.09 -6.39 15.80
N ALA A 150 -23.86 -5.95 16.13
CA ALA A 150 -23.60 -4.59 16.60
C ALA A 150 -23.75 -3.52 15.52
N ILE A 151 -23.55 -3.84 14.24
CA ILE A 151 -23.89 -2.89 13.15
C ILE A 151 -25.41 -2.66 13.14
N MET A 152 -26.19 -3.73 13.29
CA MET A 152 -27.65 -3.67 13.32
C MET A 152 -28.15 -2.95 14.58
N ASN A 153 -27.76 -3.37 15.78
CA ASN A 153 -27.87 -2.57 17.01
C ASN A 153 -26.77 -1.48 17.11
N GLN A 154 -26.47 -0.77 16.02
CA GLN A 154 -26.07 0.64 16.05
C GLN A 154 -27.16 1.54 15.45
N GLU A 155 -28.15 0.96 14.76
CA GLU A 155 -29.49 1.48 14.50
C GLU A 155 -29.63 2.76 13.64
N ILE A 156 -28.97 3.86 14.01
CA ILE A 156 -28.87 5.10 13.21
C ILE A 156 -27.41 5.53 13.07
N GLY A 157 -26.63 5.57 14.17
CA GLY A 157 -25.27 6.09 14.19
C GLY A 157 -24.25 5.41 13.25
N TRP A 158 -24.59 4.25 12.67
CA TRP A 158 -23.81 3.58 11.62
C TRP A 158 -23.78 4.35 10.29
N PHE A 159 -24.74 5.24 10.08
CA PHE A 159 -24.89 6.05 8.87
C PHE A 159 -24.03 7.32 8.99
N ASP A 160 -23.99 7.92 10.18
CA ASP A 160 -23.21 9.13 10.47
C ASP A 160 -21.71 8.85 10.67
N VAL A 161 -21.37 7.90 11.56
CA VAL A 161 -20.01 7.71 12.08
C VAL A 161 -19.19 6.83 11.14
N HIS A 162 -18.61 7.47 10.12
CA HIS A 162 -18.00 6.85 8.93
C HIS A 162 -19.05 6.13 8.06
N ASP A 163 -18.61 5.31 7.11
CA ASP A 163 -19.38 4.95 5.92
C ASP A 163 -19.28 3.46 5.56
N VAL A 164 -20.34 2.94 4.93
CA VAL A 164 -20.50 1.53 4.57
C VAL A 164 -19.41 1.03 3.61
N GLY A 165 -19.20 -0.28 3.58
CA GLY A 165 -18.10 -0.89 2.86
C GLY A 165 -16.80 -0.84 3.67
N GLU A 166 -16.15 0.32 3.79
CA GLU A 166 -14.87 0.41 4.54
C GLU A 166 -15.08 0.23 6.05
N LEU A 167 -16.03 0.93 6.69
CA LEU A 167 -16.26 0.74 8.13
C LEU A 167 -16.54 -0.73 8.46
N ASN A 168 -17.26 -1.42 7.59
CA ASN A 168 -17.52 -2.86 7.70
C ASN A 168 -16.24 -3.69 7.45
N THR A 169 -15.38 -3.29 6.51
CA THR A 169 -14.11 -3.95 6.14
C THR A 169 -13.05 -3.82 7.22
N ARG A 170 -12.67 -2.59 7.64
CA ARG A 170 -11.72 -2.40 8.74
C ARG A 170 -12.18 -3.11 10.01
N LEU A 171 -13.44 -2.98 10.42
CA LEU A 171 -13.95 -3.72 11.58
C LEU A 171 -13.86 -5.24 11.38
N THR A 172 -14.17 -5.76 10.19
CA THR A 172 -14.10 -7.20 9.87
C THR A 172 -12.67 -7.75 10.00
N ASP A 173 -11.63 -6.99 9.66
CA ASP A 173 -10.24 -7.42 9.84
C ASP A 173 -9.68 -7.10 11.25
N ASP A 174 -10.03 -5.96 11.84
CA ASP A 174 -9.56 -5.56 13.18
C ASP A 174 -10.05 -6.51 14.28
N VAL A 175 -11.29 -7.02 14.23
CA VAL A 175 -11.72 -8.10 15.16
C VAL A 175 -10.99 -9.43 14.89
N SER A 176 -10.27 -9.56 13.77
CA SER A 176 -9.28 -10.63 13.55
C SER A 176 -7.94 -10.31 14.23
N LYS A 177 -7.46 -9.06 14.19
CA LYS A 177 -6.23 -8.63 14.90
C LYS A 177 -6.31 -8.85 16.41
N ILE A 178 -7.51 -8.81 17.01
CA ILE A 178 -7.74 -9.12 18.43
C ILE A 178 -7.21 -10.52 18.83
N ASN A 179 -7.14 -11.50 17.91
CA ASN A 179 -6.58 -12.83 18.21
C ASN A 179 -5.14 -12.75 18.74
N GLU A 180 -4.26 -11.99 18.08
CA GLU A 180 -2.89 -11.75 18.56
C GLU A 180 -2.90 -10.86 19.81
N GLY A 181 -3.79 -9.86 19.85
CA GLY A 181 -4.02 -8.97 20.99
C GLY A 181 -4.47 -9.66 22.29
N ILE A 182 -4.81 -10.96 22.24
CA ILE A 182 -5.11 -11.81 23.41
C ILE A 182 -4.34 -13.13 23.41
N GLY A 183 -3.43 -13.37 22.46
CA GLY A 183 -2.98 -14.70 22.06
C GLY A 183 -1.52 -15.02 22.36
N ASP A 184 -0.86 -15.66 21.38
CA ASP A 184 0.53 -16.15 21.40
C ASP A 184 1.52 -15.11 21.92
N LYS A 185 1.38 -13.83 21.54
CA LYS A 185 2.30 -12.76 21.96
C LYS A 185 2.37 -12.63 23.49
N ILE A 186 1.24 -12.86 24.17
CA ILE A 186 1.13 -12.86 25.63
C ILE A 186 1.84 -14.08 26.23
N GLY A 187 1.73 -15.24 25.57
CA GLY A 187 2.45 -16.47 25.93
C GLY A 187 3.96 -16.30 25.79
N MET A 188 4.45 -15.86 24.62
CA MET A 188 5.85 -15.58 24.35
C MET A 188 6.46 -14.55 25.32
N PHE A 189 5.71 -13.52 25.68
CA PHE A 189 6.08 -12.54 26.71
C PHE A 189 6.32 -13.19 28.09
N PHE A 190 5.38 -14.00 28.59
CA PHE A 190 5.56 -14.73 29.85
C PHE A 190 6.66 -15.80 29.77
N GLN A 191 6.75 -16.53 28.66
CA GLN A 191 7.76 -17.55 28.41
C GLN A 191 9.18 -16.97 28.42
N ALA A 192 9.42 -15.87 27.71
CA ALA A 192 10.71 -15.21 27.69
C ALA A 192 11.12 -14.66 29.07
N MET A 193 10.17 -14.06 29.80
CA MET A 193 10.41 -13.67 31.20
C MET A 193 10.72 -14.87 32.10
N ALA A 194 10.06 -16.01 31.91
CA ALA A 194 10.32 -17.22 32.68
C ALA A 194 11.70 -17.84 32.38
N THR A 195 12.16 -17.83 31.11
CA THR A 195 13.55 -18.18 30.76
C THR A 195 14.54 -17.22 31.40
N PHE A 196 14.28 -15.91 31.29
CA PHE A 196 15.13 -14.84 31.81
C PHE A 196 15.27 -14.88 33.34
N PHE A 197 14.17 -14.70 34.08
CA PHE A 197 14.20 -14.70 35.55
C PHE A 197 14.53 -16.08 36.13
N GLY A 198 14.08 -17.18 35.50
CA GLY A 198 14.44 -18.54 35.92
C GLY A 198 15.95 -18.79 35.81
N GLY A 199 16.55 -18.45 34.68
CA GLY A 199 18.01 -18.50 34.49
C GLY A 199 18.75 -17.59 35.48
N PHE A 200 18.28 -16.35 35.68
CA PHE A 200 18.86 -15.42 36.66
C PHE A 200 18.84 -15.97 38.09
N ILE A 201 17.76 -16.61 38.54
CA ILE A 201 17.68 -17.21 39.89
C ILE A 201 18.76 -18.28 40.08
N ILE A 202 18.94 -19.18 39.12
CA ILE A 202 19.99 -20.21 39.17
C ILE A 202 21.39 -19.55 39.12
N GLY A 203 21.58 -18.57 38.24
CA GLY A 203 22.83 -17.82 38.08
C GLY A 203 23.23 -16.97 39.29
N PHE A 204 22.27 -16.44 40.05
CA PHE A 204 22.55 -15.85 41.36
C PHE A 204 22.95 -16.95 42.37
N THR A 205 22.14 -18.00 42.46
CA THR A 205 22.29 -19.07 43.46
C THR A 205 23.64 -19.79 43.39
N ARG A 206 24.07 -20.20 42.18
CA ARG A 206 25.35 -20.91 41.98
C ARG A 206 26.59 -20.01 41.83
N GLY A 207 26.43 -18.71 41.56
CA GLY A 207 27.58 -17.82 41.39
C GLY A 207 27.27 -16.38 40.96
N TRP A 208 26.56 -15.62 41.79
CA TRP A 208 26.07 -14.26 41.47
C TRP A 208 27.11 -13.25 40.94
N LYS A 209 28.40 -13.49 41.17
CA LYS A 209 29.51 -12.62 40.75
C LYS A 209 29.53 -12.39 39.23
N LEU A 210 29.44 -13.46 38.42
CA LEU A 210 29.41 -13.34 36.95
C LEU A 210 28.03 -12.89 36.45
N THR A 211 26.96 -13.35 37.10
CA THR A 211 25.58 -12.97 36.78
C THR A 211 25.33 -11.45 36.90
N LEU A 212 26.03 -10.77 37.82
CA LEU A 212 26.05 -9.31 37.92
C LEU A 212 26.72 -8.63 36.71
N VAL A 213 27.77 -9.23 36.13
CA VAL A 213 28.44 -8.70 34.92
C VAL A 213 27.49 -8.76 33.71
N ILE A 214 26.67 -9.80 33.61
CA ILE A 214 25.64 -9.93 32.54
C ILE A 214 24.62 -8.77 32.60
N LEU A 215 24.23 -8.34 33.80
CA LEU A 215 23.41 -7.13 33.97
C LEU A 215 24.18 -5.87 33.55
N ALA A 216 25.45 -5.74 33.95
CA ALA A 216 26.26 -4.55 33.69
C ALA A 216 26.56 -4.28 32.21
N ILE A 217 26.77 -5.33 31.39
CA ILE A 217 27.04 -5.16 29.95
C ILE A 217 25.79 -4.80 29.12
N SER A 218 24.59 -5.12 29.60
CA SER A 218 23.34 -4.89 28.85
C SER A 218 23.10 -3.40 28.53
N PRO A 219 23.19 -2.45 29.48
CA PRO A 219 23.16 -1.01 29.19
C PRO A 219 24.25 -0.54 28.22
N VAL A 220 25.44 -1.15 28.23
CA VAL A 220 26.55 -0.78 27.32
C VAL A 220 26.24 -1.19 25.88
N LEU A 221 25.69 -2.38 25.68
CA LEU A 221 25.21 -2.85 24.37
C LEU A 221 24.02 -2.01 23.87
N GLY A 222 23.08 -1.66 24.76
CA GLY A 222 21.97 -0.76 24.47
C GLY A 222 22.43 0.66 24.09
N LEU A 223 23.43 1.20 24.79
CA LEU A 223 24.07 2.48 24.44
C LEU A 223 24.76 2.43 23.07
N SER A 224 25.47 1.33 22.77
CA SER A 224 26.11 1.12 21.45
C SER A 224 25.07 1.11 20.32
N ALA A 225 23.96 0.38 20.47
CA ALA A 225 22.83 0.43 19.53
C ALA A 225 22.22 1.85 19.44
N GLY A 226 22.15 2.56 20.57
CA GLY A 226 21.73 3.96 20.65
C GLY A 226 22.66 4.95 19.94
N ILE A 227 23.92 4.61 19.69
CA ILE A 227 24.83 5.35 18.79
C ILE A 227 24.63 4.89 17.34
N TRP A 228 24.59 3.58 17.07
CA TRP A 228 24.38 2.99 15.74
C TRP A 228 23.14 3.57 15.04
N ALA A 229 22.02 3.71 15.76
CA ALA A 229 20.79 4.30 15.22
C ALA A 229 20.97 5.76 14.76
N LYS A 230 21.75 6.57 15.51
CA LYS A 230 22.05 7.97 15.14
C LYS A 230 22.99 8.04 13.94
N ILE A 231 23.99 7.16 13.88
CA ILE A 231 24.93 7.02 12.76
C ILE A 231 24.23 6.58 11.46
N LEU A 232 23.29 5.63 11.56
CA LEU A 232 22.45 5.22 10.43
C LEU A 232 21.52 6.37 9.97
N SER A 233 20.86 7.04 10.93
CA SER A 233 19.93 8.14 10.67
C SER A 233 20.60 9.35 10.01
N SER A 234 21.49 10.05 10.73
CA SER A 234 21.99 11.37 10.30
C SER A 234 23.20 11.33 9.33
N PHE A 235 23.25 10.27 8.53
CA PHE A 235 23.95 10.21 7.25
C PHE A 235 22.94 10.00 6.10
N THR A 236 21.94 9.14 6.33
CA THR A 236 20.86 8.85 5.37
C THR A 236 20.00 10.08 5.07
N ASP A 237 19.78 10.96 6.04
CA ASP A 237 19.08 12.24 5.85
C ASP A 237 19.69 13.08 4.72
N LYS A 238 21.02 13.19 4.70
CA LYS A 238 21.79 13.97 3.71
C LYS A 238 21.87 13.26 2.37
N GLU A 239 21.94 11.92 2.36
CA GLU A 239 21.81 11.12 1.12
C GLU A 239 20.43 11.31 0.46
N LEU A 240 19.36 11.39 1.26
CA LEU A 240 18.01 11.68 0.79
C LEU A 240 17.89 13.10 0.25
N HIS A 241 18.36 14.13 0.97
CA HIS A 241 18.35 15.52 0.46
C HIS A 241 19.19 15.71 -0.81
N ALA A 242 20.35 15.05 -0.91
CA ALA A 242 21.14 15.03 -2.14
C ALA A 242 20.36 14.38 -3.32
N TYR A 243 19.66 13.27 -3.08
CA TYR A 243 18.84 12.66 -4.12
C TYR A 243 17.56 13.45 -4.44
N ALA A 244 16.92 14.11 -3.48
CA ALA A 244 15.68 14.87 -3.69
C ALA A 244 15.87 15.96 -4.75
N LYS A 245 17.02 16.65 -4.73
CA LYS A 245 17.42 17.60 -5.78
C LYS A 245 17.55 16.93 -7.15
N ALA A 246 18.18 15.75 -7.24
CA ALA A 246 18.25 14.98 -8.49
C ALA A 246 16.87 14.52 -8.98
N GLY A 247 15.93 14.23 -8.06
CA GLY A 247 14.53 13.94 -8.36
C GLY A 247 13.83 15.14 -9.00
N ALA A 248 13.84 16.31 -8.35
CA ALA A 248 13.25 17.53 -8.89
C ALA A 248 13.86 17.96 -10.24
N VAL A 249 15.18 17.80 -10.39
CA VAL A 249 15.90 18.04 -11.66
C VAL A 249 15.48 17.07 -12.77
N ALA A 250 15.03 15.85 -12.44
CA ALA A 250 14.43 14.95 -13.41
C ALA A 250 12.96 15.31 -13.72
N GLU A 251 12.15 15.56 -12.68
CA GLU A 251 10.69 15.63 -12.77
C GLU A 251 10.19 16.75 -13.71
N GLU A 252 10.63 17.99 -13.48
CA GLU A 252 10.31 19.17 -14.31
C GLU A 252 10.87 19.02 -15.73
N VAL A 253 12.08 18.46 -15.87
CA VAL A 253 12.75 18.27 -17.18
C VAL A 253 12.08 17.20 -18.03
N LEU A 254 11.55 16.13 -17.42
CA LEU A 254 10.74 15.11 -18.09
C LEU A 254 9.33 15.62 -18.40
N ALA A 255 8.69 16.39 -17.51
CA ALA A 255 7.41 17.04 -17.82
C ALA A 255 7.53 18.01 -19.01
N ALA A 256 8.64 18.75 -19.11
CA ALA A 256 8.93 19.69 -20.18
C ALA A 256 9.64 19.08 -21.41
N ILE A 257 9.74 17.74 -21.53
CA ILE A 257 10.72 17.03 -22.36
C ILE A 257 10.91 17.57 -23.79
N ARG A 258 9.84 17.70 -24.59
CA ARG A 258 9.94 18.19 -25.99
C ARG A 258 10.49 19.62 -26.09
N THR A 259 10.24 20.47 -25.08
CA THR A 259 10.80 21.83 -25.03
C THR A 259 12.29 21.81 -24.70
N VAL A 260 12.73 20.98 -23.75
CA VAL A 260 14.15 20.83 -23.40
C VAL A 260 14.95 20.20 -24.56
N ILE A 261 14.32 19.30 -25.32
CA ILE A 261 14.80 18.79 -26.61
C ILE A 261 14.93 19.92 -27.64
N ALA A 262 13.93 20.80 -27.76
CA ALA A 262 13.90 21.93 -28.71
C ALA A 262 14.89 23.06 -28.39
N PHE A 263 15.07 23.42 -27.12
CA PHE A 263 16.10 24.39 -26.73
C PHE A 263 17.49 23.79 -26.94
N GLY A 264 17.74 22.61 -26.35
CA GLY A 264 19.04 21.94 -26.30
C GLY A 264 19.62 21.79 -24.89
N GLY A 265 18.86 22.21 -23.86
CA GLY A 265 19.25 22.25 -22.45
C GLY A 265 19.66 20.91 -21.83
N GLN A 266 19.44 19.79 -22.51
CA GLN A 266 19.92 18.47 -22.10
C GLN A 266 21.42 18.47 -21.74
N LYS A 267 22.25 19.27 -22.44
CA LYS A 267 23.68 19.43 -22.16
C LYS A 267 23.99 20.09 -20.79
N LYS A 268 23.03 20.78 -20.18
CA LYS A 268 23.05 21.33 -18.81
C LYS A 268 22.37 20.37 -17.82
N GLU A 269 21.15 19.95 -18.13
CA GLU A 269 20.29 19.18 -17.23
C GLU A 269 20.84 17.78 -16.91
N LEU A 270 21.47 17.12 -17.87
CA LEU A 270 22.12 15.82 -17.65
C LEU A 270 23.25 15.90 -16.62
N GLU A 271 23.98 17.04 -16.52
CA GLU A 271 25.01 17.19 -15.49
C GLU A 271 24.45 17.67 -14.15
N ARG A 272 23.40 18.53 -14.14
CA ARG A 272 22.66 18.85 -12.90
C ARG A 272 22.14 17.57 -12.21
N TYR A 273 21.63 16.61 -12.99
CA TYR A 273 21.22 15.30 -12.47
C TYR A 273 22.43 14.46 -11.98
N ASN A 274 23.53 14.44 -12.72
CA ASN A 274 24.74 13.70 -12.35
C ASN A 274 25.37 14.19 -11.04
N ASN A 275 25.55 15.50 -10.84
CA ASN A 275 26.33 16.01 -9.72
C ASN A 275 25.58 15.93 -8.38
N ASN A 276 24.25 16.13 -8.36
CA ASN A 276 23.44 15.84 -7.16
C ASN A 276 23.54 14.35 -6.74
N LEU A 277 23.65 13.43 -7.70
CA LEU A 277 23.98 12.02 -7.42
C LEU A 277 25.47 11.80 -7.04
N GLU A 278 26.41 12.67 -7.46
CA GLU A 278 27.78 12.64 -6.94
C GLU A 278 27.84 13.02 -5.46
N GLU A 279 27.07 14.01 -5.00
CA GLU A 279 26.95 14.35 -3.57
C GLU A 279 26.48 13.15 -2.74
N ALA A 280 25.40 12.49 -3.16
CA ALA A 280 24.93 11.25 -2.52
C ALA A 280 26.04 10.18 -2.49
N LYS A 281 26.84 10.06 -3.56
CA LYS A 281 28.02 9.19 -3.62
C LYS A 281 29.18 9.63 -2.71
N ARG A 282 29.28 10.91 -2.32
CA ARG A 282 30.20 11.40 -1.25
C ARG A 282 29.66 11.12 0.15
N LEU A 283 28.38 10.82 0.32
CA LEU A 283 27.72 10.62 1.61
C LEU A 283 27.56 9.13 1.97
N GLY A 284 26.98 8.32 1.08
CA GLY A 284 26.76 6.89 1.30
C GLY A 284 28.05 6.12 1.61
N ILE A 285 29.15 6.48 0.93
CA ILE A 285 30.49 5.93 1.18
C ILE A 285 30.99 6.18 2.61
N LYS A 286 30.59 7.30 3.24
CA LYS A 286 30.95 7.61 4.63
C LYS A 286 30.08 6.84 5.63
N LYS A 287 28.80 6.62 5.32
CA LYS A 287 27.94 5.71 6.10
C LYS A 287 28.44 4.26 6.01
N ALA A 288 28.96 3.84 4.85
CA ALA A 288 29.64 2.57 4.65
C ALA A 288 31.02 2.45 5.36
N ILE A 289 31.53 3.52 5.99
CA ILE A 289 32.55 3.46 7.03
C ILE A 289 31.89 3.35 8.40
N THR A 290 31.12 4.37 8.79
CA THR A 290 30.70 4.59 10.19
C THR A 290 29.70 3.56 10.71
N ALA A 291 28.71 3.14 9.92
CA ALA A 291 27.75 2.12 10.35
C ALA A 291 28.42 0.76 10.54
N ASN A 292 29.35 0.39 9.65
CA ASN A 292 30.10 -0.87 9.73
C ASN A 292 31.05 -0.90 10.94
N ILE A 293 31.74 0.21 11.23
CA ILE A 293 32.53 0.37 12.47
C ILE A 293 31.64 0.23 13.71
N SER A 294 30.46 0.86 13.72
CA SER A 294 29.55 0.80 14.87
C SER A 294 28.98 -0.59 15.13
N MET A 295 28.79 -1.42 14.08
CA MET A 295 28.43 -2.84 14.24
C MET A 295 29.63 -3.67 14.71
N GLY A 296 30.81 -3.47 14.13
CA GLY A 296 32.06 -4.14 14.57
C GLY A 296 32.37 -3.88 16.05
N ALA A 297 32.13 -2.67 16.56
CA ALA A 297 32.27 -2.34 17.97
C ALA A 297 31.28 -3.10 18.87
N ALA A 298 30.03 -3.31 18.43
CA ALA A 298 29.06 -4.14 19.15
C ALA A 298 29.49 -5.62 19.20
N PHE A 299 30.04 -6.15 18.11
CA PHE A 299 30.60 -7.52 18.09
C PHE A 299 31.83 -7.64 19.01
N LEU A 300 32.72 -6.64 19.00
CA LEU A 300 33.90 -6.57 19.88
C LEU A 300 33.51 -6.61 21.37
N LEU A 301 32.47 -5.88 21.78
CA LEU A 301 31.92 -5.95 23.15
C LEU A 301 31.44 -7.36 23.52
N ILE A 302 30.84 -8.10 22.59
CA ILE A 302 30.40 -9.49 22.80
C ILE A 302 31.62 -10.40 23.00
N TYR A 303 32.59 -10.42 22.07
CA TYR A 303 33.78 -11.27 22.21
C TYR A 303 34.58 -10.95 23.49
N ALA A 304 34.78 -9.67 23.80
CA ALA A 304 35.52 -9.21 24.97
C ALA A 304 34.84 -9.61 26.29
N SER A 305 33.52 -9.40 26.41
CA SER A 305 32.78 -9.74 27.63
C SER A 305 32.71 -11.25 27.87
N TYR A 306 32.55 -12.07 26.83
CA TYR A 306 32.64 -13.53 26.93
C TYR A 306 34.04 -13.97 27.38
N ALA A 307 35.11 -13.48 26.75
CA ALA A 307 36.48 -13.84 27.10
C ALA A 307 36.84 -13.48 28.56
N LEU A 308 36.46 -12.28 29.01
CA LEU A 308 36.65 -11.84 30.40
C LEU A 308 35.84 -12.70 31.39
N ALA A 309 34.60 -13.06 31.06
CA ALA A 309 33.78 -13.93 31.90
C ALA A 309 34.39 -15.35 32.04
N PHE A 310 34.94 -15.92 30.96
CA PHE A 310 35.62 -17.22 31.01
C PHE A 310 36.85 -17.20 31.92
N TRP A 311 37.74 -16.21 31.72
CA TRP A 311 39.00 -16.09 32.47
C TRP A 311 38.78 -15.77 33.96
N TYR A 312 37.82 -14.90 34.27
CA TYR A 312 37.35 -14.71 35.64
C TYR A 312 36.76 -16.00 36.21
N GLY A 313 35.96 -16.72 35.42
CA GLY A 313 35.31 -17.98 35.80
C GLY A 313 36.25 -19.10 36.23
N THR A 314 37.35 -19.35 35.51
CA THR A 314 38.36 -20.35 35.94
C THR A 314 39.25 -19.85 37.08
N SER A 315 39.49 -18.54 37.16
CA SER A 315 40.16 -17.91 38.32
C SER A 315 39.36 -18.10 39.62
N LEU A 316 38.02 -18.16 39.54
CA LEU A 316 37.12 -18.53 40.66
C LEU A 316 37.10 -20.05 40.98
N VAL A 317 38.09 -20.81 40.49
CA VAL A 317 38.33 -22.22 40.85
C VAL A 317 39.76 -22.43 41.33
N ILE A 318 40.75 -22.20 40.46
CA ILE A 318 42.17 -22.54 40.74
C ILE A 318 42.87 -21.46 41.61
N SER A 319 42.15 -20.93 42.61
CA SER A 319 42.59 -19.82 43.49
C SER A 319 41.58 -19.47 44.59
N LYS A 320 40.29 -19.80 44.43
CA LYS A 320 39.16 -18.96 44.91
C LYS A 320 37.83 -19.71 44.77
N GLU A 321 36.73 -19.13 45.25
CA GLU A 321 35.43 -19.80 45.36
C GLU A 321 34.39 -19.37 44.29
N TYR A 322 33.20 -19.99 44.33
CA TYR A 322 32.00 -19.70 43.53
C TYR A 322 32.08 -20.02 42.03
N SER A 323 32.96 -20.94 41.63
CA SER A 323 32.96 -21.52 40.29
C SER A 323 33.42 -22.98 40.31
N ILE A 324 33.20 -23.67 39.19
CA ILE A 324 33.69 -25.02 38.85
C ILE A 324 33.52 -25.17 37.33
N GLY A 325 32.64 -26.02 36.80
CA GLY A 325 32.36 -26.15 35.36
C GLY A 325 30.93 -25.74 34.98
N GLN A 326 29.95 -26.37 35.62
CA GLN A 326 28.51 -26.21 35.42
C GLN A 326 28.03 -24.76 35.49
N VAL A 327 28.66 -23.97 36.36
CA VAL A 327 28.31 -22.55 36.54
C VAL A 327 28.43 -21.77 35.23
N LEU A 328 29.38 -22.12 34.35
CA LEU A 328 29.58 -21.45 33.07
C LEU A 328 28.39 -21.68 32.13
N THR A 329 27.87 -22.91 32.09
CA THR A 329 26.65 -23.27 31.33
C THR A 329 25.40 -22.65 31.95
N VAL A 330 25.35 -22.52 33.28
CA VAL A 330 24.31 -21.75 33.99
C VAL A 330 24.35 -20.27 33.60
N PHE A 331 25.51 -19.61 33.57
CA PHE A 331 25.64 -18.22 33.11
C PHE A 331 25.27 -18.07 31.63
N PHE A 332 25.60 -19.05 30.78
CA PHE A 332 25.12 -19.09 29.40
C PHE A 332 23.59 -19.20 29.31
N SER A 333 22.92 -19.91 30.21
CA SER A 333 21.45 -19.94 30.27
C SER A 333 20.83 -18.55 30.53
N VAL A 334 21.51 -17.67 31.27
CA VAL A 334 21.10 -16.27 31.48
C VAL A 334 21.20 -15.47 30.18
N LEU A 335 22.25 -15.68 29.41
CA LEU A 335 22.44 -15.07 28.08
C LEU A 335 21.38 -15.57 27.07
N ILE A 336 21.04 -16.86 27.11
CA ILE A 336 19.89 -17.44 26.39
C ILE A 336 18.56 -16.80 26.83
N GLY A 337 18.40 -16.48 28.12
CA GLY A 337 17.28 -15.70 28.64
C GLY A 337 17.21 -14.28 28.06
N ALA A 338 18.34 -13.58 27.97
CA ALA A 338 18.41 -12.26 27.33
C ALA A 338 18.08 -12.33 25.83
N PHE A 339 18.56 -13.37 25.13
CA PHE A 339 18.20 -13.67 23.74
C PHE A 339 16.70 -13.97 23.57
N SER A 340 16.10 -14.72 24.51
CA SER A 340 14.68 -15.06 24.56
C SER A 340 13.81 -13.80 24.72
N VAL A 341 14.21 -12.85 25.57
CA VAL A 341 13.58 -11.53 25.70
C VAL A 341 13.75 -10.68 24.44
N GLY A 342 14.91 -10.76 23.76
CA GLY A 342 15.10 -10.17 22.43
C GLY A 342 14.10 -10.71 21.38
N GLN A 343 13.94 -12.04 21.33
CA GLN A 343 12.95 -12.74 20.48
C GLN A 343 11.49 -12.40 20.85
N ALA A 344 11.21 -12.02 22.11
CA ALA A 344 9.90 -11.54 22.53
C ALA A 344 9.60 -10.11 22.07
N SER A 345 10.60 -9.24 21.83
CA SER A 345 10.35 -7.84 21.46
C SER A 345 9.49 -7.70 20.18
N PRO A 346 9.79 -8.36 19.04
CA PRO A 346 8.93 -8.31 17.86
C PRO A 346 7.50 -8.83 18.10
N ASN A 347 7.31 -9.75 19.04
CA ASN A 347 5.98 -10.22 19.45
C ASN A 347 5.24 -9.17 20.30
N ILE A 348 5.94 -8.44 21.17
CA ILE A 348 5.41 -7.30 21.94
C ILE A 348 5.09 -6.12 21.01
N GLU A 349 5.90 -5.89 19.98
CA GLU A 349 5.67 -4.90 18.92
C GLU A 349 4.43 -5.26 18.07
N ALA A 350 4.27 -6.54 17.69
CA ALA A 350 3.05 -7.03 17.06
C ALA A 350 1.82 -6.86 17.98
N PHE A 351 1.95 -7.19 19.26
CA PHE A 351 0.90 -6.94 20.27
C PHE A 351 0.56 -5.45 20.42
N ALA A 352 1.52 -4.53 20.34
CA ALA A 352 1.26 -3.09 20.35
C ALA A 352 0.44 -2.64 19.13
N ASN A 353 0.71 -3.21 17.95
CA ASN A 353 -0.13 -3.02 16.75
C ASN A 353 -1.53 -3.65 16.90
N ALA A 354 -1.64 -4.79 17.60
CA ALA A 354 -2.93 -5.43 17.93
C ALA A 354 -3.74 -4.69 19.00
N ARG A 355 -3.12 -3.95 19.93
CA ARG A 355 -3.79 -2.87 20.70
C ARG A 355 -4.32 -1.84 19.71
N GLY A 356 -3.41 -1.38 18.84
CA GLY A 356 -3.54 -0.36 17.82
C GLY A 356 -4.88 -0.38 17.09
N ALA A 357 -4.92 -0.94 15.89
CA ALA A 357 -6.08 -0.75 15.02
C ALA A 357 -7.40 -1.20 15.69
N ALA A 358 -7.39 -2.28 16.48
CA ALA A 358 -8.60 -2.84 17.06
C ALA A 358 -9.24 -2.04 18.21
N TYR A 359 -8.49 -1.61 19.24
CA TYR A 359 -9.15 -1.14 20.49
C TYR A 359 -9.89 0.20 20.34
N GLU A 360 -9.46 1.07 19.43
CA GLU A 360 -10.14 2.34 19.16
C GLU A 360 -11.48 2.13 18.44
N VAL A 361 -11.51 1.38 17.34
CA VAL A 361 -12.75 1.09 16.59
C VAL A 361 -13.71 0.15 17.33
N PHE A 362 -13.23 -0.55 18.37
CA PHE A 362 -14.06 -1.38 19.27
C PHE A 362 -15.26 -0.61 19.86
N LYS A 363 -15.17 0.73 19.95
CA LYS A 363 -16.28 1.60 20.40
C LYS A 363 -17.47 1.61 19.43
N ILE A 364 -17.22 1.42 18.14
CA ILE A 364 -18.26 1.24 17.11
C ILE A 364 -18.92 -0.15 17.18
N ILE A 365 -18.32 -1.10 17.92
CA ILE A 365 -18.94 -2.39 18.23
C ILE A 365 -19.83 -2.27 19.47
N ASP A 366 -19.32 -1.68 20.57
CA ASP A 366 -20.10 -1.31 21.77
C ASP A 366 -19.39 -0.19 22.56
N ASN A 367 -20.19 0.61 23.29
CA ASN A 367 -19.92 1.99 23.78
C ASN A 367 -20.44 3.11 22.84
N LYS A 368 -20.83 2.77 21.61
CA LYS A 368 -21.82 3.51 20.78
C LYS A 368 -23.20 3.64 21.47
N PRO A 369 -24.09 4.56 21.06
CA PRO A 369 -25.44 4.71 21.63
C PRO A 369 -26.29 3.43 21.55
N SER A 370 -26.21 2.68 20.45
CA SER A 370 -26.56 1.24 20.35
C SER A 370 -28.05 0.87 20.43
N ILE A 371 -28.96 1.84 20.42
CA ILE A 371 -30.42 1.63 20.61
C ILE A 371 -31.28 2.59 19.75
N ASP A 372 -30.64 3.31 18.84
CA ASP A 372 -31.06 4.63 18.37
C ASP A 372 -32.42 4.65 17.67
N SER A 373 -32.75 3.61 16.89
CA SER A 373 -33.99 3.47 16.12
C SER A 373 -35.14 2.86 16.94
N PHE A 374 -34.83 2.31 18.12
CA PHE A 374 -35.68 1.45 18.97
C PHE A 374 -35.96 0.07 18.32
N SER A 375 -34.98 -0.52 17.63
CA SER A 375 -35.08 -1.63 16.65
C SER A 375 -36.01 -2.82 16.94
N LYS A 376 -36.25 -3.16 18.22
CA LYS A 376 -37.14 -4.26 18.68
C LYS A 376 -38.02 -3.83 19.86
N SER A 377 -38.40 -2.56 19.93
CA SER A 377 -39.20 -1.95 21.00
C SER A 377 -40.35 -1.09 20.46
N GLY A 378 -41.07 -0.42 21.35
CA GLY A 378 -42.20 0.48 21.09
C GLY A 378 -43.57 -0.20 21.10
N HIS A 379 -44.55 0.48 21.69
CA HIS A 379 -45.99 0.18 21.65
C HIS A 379 -46.59 0.48 20.27
N LYS A 380 -47.60 -0.27 19.82
CA LYS A 380 -48.17 -0.08 18.46
C LYS A 380 -48.90 1.27 18.30
N PRO A 381 -48.82 1.92 17.13
CA PRO A 381 -49.60 3.12 16.80
C PRO A 381 -51.04 2.76 16.42
N ASP A 382 -51.85 2.40 17.42
CA ASP A 382 -53.22 1.93 17.22
C ASP A 382 -54.27 3.05 17.00
N ASN A 383 -53.87 4.32 16.92
CA ASN A 383 -54.57 5.35 16.13
C ASN A 383 -54.46 5.11 14.60
N ILE A 384 -54.39 3.84 14.19
CA ILE A 384 -54.05 3.24 12.88
C ILE A 384 -52.72 3.66 12.23
N GLN A 385 -52.11 4.78 12.64
CA GLN A 385 -51.11 5.58 11.92
C GLN A 385 -51.62 6.17 10.59
N GLY A 386 -51.33 7.47 10.38
CA GLY A 386 -51.60 8.17 9.12
C GLY A 386 -51.49 9.69 9.24
N ASN A 387 -52.01 10.26 10.32
CA ASN A 387 -52.25 11.70 10.48
C ASN A 387 -51.02 12.58 10.81
N LEU A 388 -49.96 12.50 10.01
CA LEU A 388 -48.75 13.31 10.18
C LEU A 388 -48.97 14.81 9.87
N GLU A 389 -48.28 15.67 10.63
CA GLU A 389 -48.08 17.06 10.25
C GLU A 389 -46.69 17.55 10.67
N PHE A 390 -45.78 17.72 9.73
CA PHE A 390 -44.48 18.37 9.96
C PHE A 390 -44.66 19.87 10.18
N LYS A 391 -43.90 20.44 11.12
CA LYS A 391 -44.02 21.81 11.61
C LYS A 391 -42.65 22.42 11.83
N ASN A 392 -42.41 23.54 11.13
CA ASN A 392 -41.28 24.45 11.32
C ASN A 392 -39.91 23.74 11.24
N ILE A 393 -39.78 22.80 10.30
CA ILE A 393 -38.56 22.02 10.06
C ILE A 393 -37.43 22.90 9.52
N HIS A 394 -36.23 22.74 10.07
CA HIS A 394 -34.98 23.39 9.68
C HIS A 394 -33.80 22.39 9.65
N PHE A 395 -34.12 21.12 9.40
CA PHE A 395 -33.33 19.96 9.82
C PHE A 395 -31.98 19.75 9.11
N SER A 396 -31.13 18.96 9.77
CA SER A 396 -29.90 18.37 9.24
C SER A 396 -30.07 17.72 7.86
N TYR A 397 -28.97 17.69 7.10
CA TYR A 397 -28.79 16.72 6.01
C TYR A 397 -28.77 15.28 6.56
N PRO A 398 -29.11 14.25 5.75
CA PRO A 398 -28.92 12.85 6.15
C PRO A 398 -27.46 12.58 6.53
N SER A 399 -27.25 11.67 7.48
CA SER A 399 -25.96 11.27 8.05
C SER A 399 -25.14 12.36 8.76
N ARG A 400 -25.64 13.61 8.86
CA ARG A 400 -25.00 14.75 9.57
C ARG A 400 -23.57 15.10 9.09
N LYS A 401 -23.08 14.48 8.00
CA LYS A 401 -21.79 14.78 7.35
C LYS A 401 -21.80 16.15 6.66
N GLU A 402 -22.94 16.52 6.05
CA GLU A 402 -23.23 17.90 5.62
C GLU A 402 -24.10 18.64 6.64
N VAL A 403 -24.08 19.97 6.59
CA VAL A 403 -24.81 20.87 7.49
C VAL A 403 -26.34 20.86 7.25
N GLN A 404 -27.10 21.46 8.16
CA GLN A 404 -28.55 21.64 8.05
C GLN A 404 -28.97 22.65 6.97
N ILE A 405 -28.85 22.26 5.69
CA ILE A 405 -29.20 23.10 4.53
C ILE A 405 -30.71 23.42 4.41
N LEU A 406 -31.60 22.59 4.96
CA LEU A 406 -33.04 22.84 4.92
C LEU A 406 -33.43 23.94 5.91
N LYS A 407 -34.16 24.96 5.45
CA LYS A 407 -34.73 26.01 6.29
C LYS A 407 -36.19 26.26 5.90
N GLY A 408 -37.09 26.03 6.85
CA GLY A 408 -38.54 26.14 6.69
C GLY A 408 -39.17 24.97 5.92
N LEU A 409 -39.87 24.07 6.62
CA LEU A 409 -40.85 23.17 6.01
C LEU A 409 -41.98 22.81 7.01
N ASN A 410 -43.21 22.92 6.52
CA ASN A 410 -44.44 22.48 7.18
C ASN A 410 -45.24 21.66 6.16
N LEU A 411 -45.79 20.50 6.54
CA LEU A 411 -46.45 19.58 5.60
C LEU A 411 -47.48 18.71 6.31
N LYS A 412 -48.71 18.65 5.78
CA LYS A 412 -49.82 17.81 6.27
C LYS A 412 -49.91 16.48 5.49
N VAL A 413 -50.42 15.44 6.15
CA VAL A 413 -51.20 14.35 5.51
C VAL A 413 -52.12 13.74 6.57
N LYS A 414 -53.38 13.47 6.22
CA LYS A 414 -54.40 12.88 7.11
C LYS A 414 -55.00 11.63 6.49
N SER A 415 -55.57 10.75 7.31
CA SER A 415 -56.12 9.47 6.85
C SER A 415 -57.25 9.70 5.84
N GLY A 416 -57.12 9.13 4.64
CA GLY A 416 -57.98 9.44 3.49
C GLY A 416 -57.53 10.69 2.72
N GLN A 417 -56.22 10.82 2.47
CA GLN A 417 -55.64 11.82 1.57
C GLN A 417 -54.42 11.26 0.82
N THR A 418 -54.42 11.31 -0.52
CA THR A 418 -53.19 11.43 -1.33
C THR A 418 -52.74 12.89 -1.34
N VAL A 419 -51.70 13.23 -0.58
CA VAL A 419 -51.02 14.53 -0.68
C VAL A 419 -49.88 14.44 -1.69
N ALA A 420 -49.91 15.28 -2.72
CA ALA A 420 -48.88 15.38 -3.75
C ALA A 420 -48.00 16.62 -3.56
N LEU A 421 -46.69 16.43 -3.44
CA LEU A 421 -45.74 17.54 -3.33
C LEU A 421 -45.36 18.09 -4.71
N VAL A 422 -45.33 19.41 -4.84
CA VAL A 422 -44.84 20.11 -6.04
C VAL A 422 -43.85 21.22 -5.64
N GLY A 423 -42.91 21.55 -6.52
CA GLY A 423 -41.72 22.34 -6.15
C GLY A 423 -40.58 21.45 -5.67
N ASN A 424 -40.26 20.43 -6.46
CA ASN A 424 -39.18 19.46 -6.22
C ASN A 424 -37.82 20.18 -6.13
N SER A 425 -36.98 19.82 -5.16
CA SER A 425 -35.68 20.48 -4.96
C SER A 425 -34.67 19.56 -4.25
N GLY A 426 -34.50 18.34 -4.79
CA GLY A 426 -33.43 17.41 -4.43
C GLY A 426 -33.37 17.06 -2.94
N CYS A 427 -32.16 17.12 -2.36
CA CYS A 427 -31.92 16.80 -0.95
C CYS A 427 -32.82 17.59 0.02
N GLY A 428 -33.15 18.84 -0.31
CA GLY A 428 -34.05 19.70 0.48
C GLY A 428 -35.53 19.28 0.50
N LYS A 429 -35.90 18.24 -0.26
CA LYS A 429 -37.22 17.57 -0.18
C LYS A 429 -37.08 16.09 0.19
N SER A 430 -35.98 15.43 -0.21
CA SER A 430 -35.66 14.05 0.21
C SER A 430 -35.46 13.89 1.72
N THR A 431 -34.93 14.91 2.43
CA THR A 431 -34.91 14.94 3.91
C THR A 431 -36.28 14.69 4.51
N THR A 432 -37.33 15.32 3.99
CA THR A 432 -38.73 15.12 4.44
C THR A 432 -39.21 13.69 4.25
N VAL A 433 -38.74 12.99 3.20
CA VAL A 433 -39.04 11.56 2.98
C VAL A 433 -38.30 10.68 3.98
N GLN A 434 -36.99 10.89 4.19
CA GLN A 434 -36.22 10.05 5.13
C GLN A 434 -36.58 10.32 6.60
N LEU A 435 -37.14 11.49 6.92
CA LEU A 435 -37.76 11.83 8.21
C LEU A 435 -39.05 11.04 8.51
N MET A 436 -39.65 10.32 7.56
CA MET A 436 -40.89 9.54 7.75
C MET A 436 -40.70 8.24 8.59
N GLN A 437 -39.49 7.96 9.06
CA GLN A 437 -39.10 6.73 9.74
C GLN A 437 -38.17 6.98 10.91
N ARG A 438 -38.03 6.01 11.83
CA ARG A 438 -36.89 5.93 12.77
C ARG A 438 -35.57 5.61 12.04
N LEU A 439 -35.18 6.44 11.09
CA LEU A 439 -33.84 6.50 10.47
C LEU A 439 -33.31 7.93 10.62
N TYR A 440 -34.17 8.94 10.44
CA TYR A 440 -33.90 10.32 10.81
C TYR A 440 -35.09 10.88 11.59
N ASP A 441 -34.78 11.52 12.71
CA ASP A 441 -35.74 12.06 13.67
C ASP A 441 -35.49 13.57 13.83
N PRO A 442 -36.53 14.42 13.74
CA PRO A 442 -36.36 15.87 13.72
C PRO A 442 -35.91 16.41 15.08
N LEU A 443 -35.04 17.42 15.04
CA LEU A 443 -34.59 18.19 16.20
C LEU A 443 -34.80 19.68 15.93
N ASP A 444 -34.34 20.15 14.77
CA ASP A 444 -34.64 21.47 14.22
C ASP A 444 -36.07 21.47 13.64
N GLY A 445 -37.06 21.73 14.49
CA GLY A 445 -38.48 21.60 14.18
C GLY A 445 -39.04 20.23 14.58
N MET A 446 -40.30 19.94 14.22
CA MET A 446 -41.02 18.76 14.74
C MET A 446 -41.90 18.04 13.70
N VAL A 447 -42.25 16.80 14.02
CA VAL A 447 -43.49 16.17 13.53
C VAL A 447 -44.56 16.27 14.62
N SER A 448 -45.82 16.46 14.20
CA SER A 448 -47.03 16.46 15.04
C SER A 448 -47.90 15.28 14.62
N ILE A 449 -48.53 14.59 15.57
CA ILE A 449 -49.34 13.39 15.36
C ILE A 449 -50.67 13.51 16.09
N ASP A 450 -51.77 13.14 15.44
CA ASP A 450 -53.10 13.07 16.05
C ASP A 450 -53.22 11.77 16.90
N GLY A 451 -52.46 11.70 17.99
CA GLY A 451 -52.34 10.52 18.86
C GLY A 451 -50.91 10.33 19.38
N GLN A 452 -50.55 9.10 19.76
CA GLN A 452 -49.22 8.81 20.29
C GLN A 452 -48.12 8.99 19.22
N ASP A 453 -47.03 9.69 19.54
CA ASP A 453 -46.07 10.13 18.52
C ASP A 453 -45.27 8.98 17.87
N ILE A 454 -45.01 9.12 16.56
CA ILE A 454 -44.33 8.13 15.72
C ILE A 454 -42.86 7.89 16.08
N ARG A 455 -42.22 8.74 16.88
CA ARG A 455 -40.87 8.46 17.39
C ARG A 455 -40.87 7.40 18.50
N THR A 456 -42.00 7.22 19.18
CA THR A 456 -42.16 6.35 20.37
C THR A 456 -42.60 4.91 20.07
N ILE A 457 -43.19 4.66 18.90
CA ILE A 457 -44.01 3.47 18.61
C ILE A 457 -43.25 2.29 18.00
N ASN A 458 -43.94 1.15 17.88
CA ASN A 458 -43.40 -0.15 17.47
C ASN A 458 -42.73 -0.11 16.10
N VAL A 459 -41.42 -0.34 16.09
CA VAL A 459 -40.60 -0.04 14.89
C VAL A 459 -40.79 -1.06 13.76
N ARG A 460 -41.09 -2.34 14.06
CA ARG A 460 -41.42 -3.32 13.00
C ARG A 460 -42.75 -2.96 12.32
N TYR A 461 -43.78 -2.67 13.11
CA TYR A 461 -45.08 -2.21 12.59
C TYR A 461 -44.91 -0.92 11.77
N LEU A 462 -44.11 0.05 12.25
CA LEU A 462 -43.77 1.28 11.51
C LEU A 462 -43.02 1.02 10.20
N ARG A 463 -42.13 0.01 10.14
CA ARG A 463 -41.50 -0.37 8.86
C ARG A 463 -42.52 -0.91 7.86
N GLU A 464 -43.44 -1.74 8.31
CA GLU A 464 -44.31 -2.56 7.44
C GLU A 464 -45.63 -1.88 7.04
N ILE A 465 -46.16 -0.97 7.85
CA ILE A 465 -47.40 -0.21 7.55
C ILE A 465 -47.29 0.65 6.27
N ILE A 466 -46.08 1.04 5.89
CA ILE A 466 -45.82 1.94 4.76
C ILE A 466 -45.10 1.17 3.62
N GLY A 467 -45.61 1.30 2.39
CA GLY A 467 -44.85 1.00 1.18
C GLY A 467 -43.94 2.17 0.82
N VAL A 468 -42.64 2.07 1.13
CA VAL A 468 -41.65 3.16 0.93
C VAL A 468 -40.86 2.94 -0.36
N VAL A 469 -41.35 3.51 -1.47
CA VAL A 469 -40.92 3.25 -2.85
C VAL A 469 -39.81 4.22 -3.29
N SER A 470 -38.56 3.74 -3.35
CA SER A 470 -37.46 4.45 -4.03
C SER A 470 -37.31 3.93 -5.45
N GLN A 471 -37.03 4.85 -6.40
CA GLN A 471 -36.71 4.55 -7.79
C GLN A 471 -35.63 3.46 -7.97
N GLU A 472 -34.56 3.52 -7.18
CA GLU A 472 -33.60 2.41 -7.02
C GLU A 472 -33.85 1.68 -5.67
N PRO A 473 -34.31 0.42 -5.70
CA PRO A 473 -34.36 -0.43 -4.51
C PRO A 473 -33.05 -1.25 -4.35
N VAL A 474 -32.13 -0.71 -3.55
CA VAL A 474 -30.87 -1.38 -3.15
C VAL A 474 -31.21 -2.53 -2.17
N LEU A 475 -31.24 -3.78 -2.65
CA LEU A 475 -31.73 -4.96 -1.91
C LEU A 475 -30.96 -6.25 -2.23
N PHE A 476 -30.60 -7.00 -1.17
CA PHE A 476 -30.10 -8.38 -1.27
C PHE A 476 -31.16 -9.33 -1.84
N ALA A 477 -30.76 -10.37 -2.57
CA ALA A 477 -31.66 -11.32 -3.22
C ALA A 477 -31.10 -12.75 -3.19
N THR A 478 -31.95 -13.74 -3.47
CA THR A 478 -31.62 -15.18 -3.57
C THR A 478 -32.69 -15.89 -4.41
N THR A 479 -33.97 -15.65 -4.09
CA THR A 479 -35.09 -15.80 -5.02
C THR A 479 -35.93 -14.52 -5.04
N ILE A 480 -36.85 -14.39 -6.01
CA ILE A 480 -37.77 -13.24 -6.05
C ILE A 480 -38.74 -13.28 -4.86
N ALA A 481 -39.29 -14.45 -4.51
CA ALA A 481 -40.17 -14.61 -3.34
C ALA A 481 -39.44 -14.31 -2.02
N GLU A 482 -38.20 -14.77 -1.84
CA GLU A 482 -37.39 -14.38 -0.67
C GLU A 482 -37.07 -12.87 -0.66
N ASN A 483 -36.81 -12.22 -1.80
CA ASN A 483 -36.64 -10.76 -1.83
C ASN A 483 -37.92 -10.00 -1.45
N ILE A 484 -39.08 -10.45 -1.92
CA ILE A 484 -40.40 -9.93 -1.51
C ILE A 484 -40.63 -10.14 0.00
N ARG A 485 -40.23 -11.31 0.52
CA ARG A 485 -40.22 -11.63 1.95
C ARG A 485 -39.21 -10.81 2.78
N TYR A 486 -38.19 -10.22 2.16
CA TYR A 486 -37.36 -9.18 2.80
C TYR A 486 -38.08 -7.83 2.96
N GLY A 487 -39.38 -7.76 2.67
CA GLY A 487 -40.30 -6.72 3.13
C GLY A 487 -40.94 -7.01 4.49
N ARG A 488 -41.23 -8.29 4.76
CA ARG A 488 -41.96 -8.85 5.91
C ARG A 488 -41.73 -10.38 5.92
N GLU A 489 -41.18 -10.94 7.01
CA GLU A 489 -40.69 -12.33 7.02
C GLU A 489 -41.76 -13.41 7.26
N ASP A 490 -42.92 -13.05 7.79
CA ASP A 490 -44.13 -13.87 7.83
C ASP A 490 -44.95 -13.62 6.56
N VAL A 491 -45.12 -14.64 5.70
CA VAL A 491 -45.88 -14.56 4.44
C VAL A 491 -46.51 -15.91 4.09
N THR A 492 -47.61 -15.90 3.34
CA THR A 492 -48.10 -17.07 2.59
C THR A 492 -47.93 -16.88 1.08
N MET A 493 -47.80 -17.98 0.32
CA MET A 493 -47.73 -17.95 -1.15
C MET A 493 -48.96 -17.26 -1.77
N ASP A 494 -50.11 -17.33 -1.10
CA ASP A 494 -51.34 -16.64 -1.51
C ASP A 494 -51.21 -15.09 -1.48
N GLU A 495 -50.37 -14.52 -0.59
CA GLU A 495 -50.00 -13.11 -0.60
C GLU A 495 -48.96 -12.81 -1.69
N ILE A 496 -47.92 -13.67 -1.81
CA ILE A 496 -46.84 -13.54 -2.81
C ILE A 496 -47.41 -13.46 -4.23
N GLU A 497 -48.32 -14.37 -4.58
CA GLU A 497 -48.88 -14.50 -5.94
C GLU A 497 -49.73 -13.28 -6.34
N LYS A 498 -50.47 -12.70 -5.38
CA LYS A 498 -51.15 -11.40 -5.56
C LYS A 498 -50.15 -10.25 -5.66
N ALA A 499 -49.11 -10.22 -4.82
CA ALA A 499 -48.13 -9.16 -4.81
C ALA A 499 -47.38 -9.03 -6.15
N VAL A 500 -46.98 -10.15 -6.78
CA VAL A 500 -46.35 -10.12 -8.12
C VAL A 500 -47.33 -9.74 -9.24
N LYS A 501 -48.63 -10.01 -9.11
CA LYS A 501 -49.66 -9.52 -10.05
C LYS A 501 -49.86 -8.02 -9.94
N GLU A 502 -50.12 -7.51 -8.74
CA GLU A 502 -50.59 -6.14 -8.57
C GLU A 502 -49.47 -5.10 -8.52
N ALA A 503 -48.23 -5.53 -8.26
CA ALA A 503 -47.04 -4.77 -8.61
C ALA A 503 -46.72 -4.77 -10.12
N ASN A 504 -47.53 -5.43 -10.96
CA ASN A 504 -47.31 -5.69 -12.38
C ASN A 504 -45.97 -6.41 -12.68
N ALA A 505 -45.39 -7.14 -11.72
CA ALA A 505 -44.15 -7.92 -11.86
C ALA A 505 -44.34 -9.26 -12.62
N TYR A 506 -45.59 -9.62 -12.93
CA TYR A 506 -45.96 -10.96 -13.38
C TYR A 506 -45.29 -11.39 -14.70
N ASP A 507 -44.91 -10.46 -15.58
CA ASP A 507 -44.36 -10.80 -16.90
C ASP A 507 -43.06 -11.61 -16.80
N PHE A 508 -42.12 -11.20 -15.93
CA PHE A 508 -40.86 -11.91 -15.77
C PHE A 508 -40.98 -13.14 -14.87
N ILE A 509 -41.88 -13.15 -13.86
CA ILE A 509 -42.12 -14.38 -13.08
C ILE A 509 -42.90 -15.46 -13.87
N MET A 510 -43.48 -15.13 -15.04
CA MET A 510 -43.91 -16.13 -16.03
C MET A 510 -42.78 -16.60 -16.96
N LYS A 511 -41.80 -15.74 -17.27
CA LYS A 511 -40.68 -16.05 -18.19
C LYS A 511 -39.51 -16.79 -17.52
N LEU A 512 -39.31 -16.64 -16.21
CA LEU A 512 -38.16 -17.17 -15.48
C LEU A 512 -38.41 -18.58 -14.88
N PRO A 513 -37.41 -19.49 -14.91
CA PRO A 513 -37.55 -20.86 -14.40
C PRO A 513 -37.78 -20.87 -12.88
N HIS A 514 -38.71 -21.71 -12.40
CA HIS A 514 -39.23 -21.74 -11.02
C HIS A 514 -40.04 -20.49 -10.59
N GLN A 515 -40.36 -19.59 -11.53
CA GLN A 515 -41.31 -18.49 -11.38
C GLN A 515 -40.99 -17.53 -10.22
N PHE A 516 -41.78 -17.52 -9.14
CA PHE A 516 -41.53 -16.65 -7.99
C PHE A 516 -40.31 -17.10 -7.16
N ASP A 517 -40.00 -18.39 -7.11
CA ASP A 517 -38.77 -18.92 -6.51
C ASP A 517 -37.68 -19.18 -7.56
N THR A 518 -37.66 -18.37 -8.63
CA THR A 518 -36.53 -18.30 -9.56
C THR A 518 -35.26 -17.80 -8.87
N LEU A 519 -34.14 -18.43 -9.18
CA LEU A 519 -32.82 -18.15 -8.58
C LEU A 519 -32.22 -16.86 -9.13
N VAL A 520 -31.78 -15.96 -8.24
CA VAL A 520 -31.08 -14.71 -8.57
C VAL A 520 -29.93 -14.45 -7.59
N GLY A 521 -28.83 -13.89 -8.10
CA GLY A 521 -27.64 -13.55 -7.33
C GLY A 521 -27.83 -12.37 -6.37
N GLU A 522 -26.83 -12.12 -5.51
CA GLU A 522 -26.87 -11.03 -4.53
C GLU A 522 -26.97 -9.65 -5.20
N ARG A 523 -27.49 -8.67 -4.45
CA ARG A 523 -27.95 -7.35 -4.95
C ARG A 523 -28.94 -7.36 -6.13
N GLY A 524 -29.41 -8.54 -6.56
CA GLY A 524 -30.30 -8.74 -7.71
C GLY A 524 -29.59 -8.69 -9.07
N ALA A 525 -28.34 -9.14 -9.16
CA ALA A 525 -27.42 -8.97 -10.31
C ALA A 525 -27.81 -9.64 -11.65
N GLN A 526 -29.09 -9.95 -11.89
CA GLN A 526 -29.66 -10.44 -13.17
C GLN A 526 -31.00 -9.75 -13.52
N LEU A 527 -31.25 -8.54 -12.99
CA LEU A 527 -32.52 -7.82 -13.10
C LEU A 527 -32.32 -6.36 -13.55
N SER A 528 -33.10 -5.91 -14.53
CA SER A 528 -33.17 -4.51 -14.95
C SER A 528 -33.88 -3.61 -13.91
N GLY A 529 -33.72 -2.29 -14.03
CA GLY A 529 -34.27 -1.27 -13.12
C GLY A 529 -35.78 -1.44 -12.88
N GLY A 530 -36.59 -1.39 -13.94
CA GLY A 530 -38.04 -1.62 -13.85
C GLY A 530 -38.45 -2.99 -13.31
N GLN A 531 -37.63 -4.03 -13.46
CA GLN A 531 -37.87 -5.33 -12.84
C GLN A 531 -37.62 -5.27 -11.33
N LYS A 532 -36.46 -4.75 -10.89
CA LYS A 532 -36.17 -4.54 -9.47
C LYS A 532 -37.23 -3.65 -8.80
N GLN A 533 -37.69 -2.60 -9.50
CA GLN A 533 -38.74 -1.72 -9.03
C GLN A 533 -40.06 -2.47 -8.79
N ARG A 534 -40.55 -3.24 -9.77
CA ARG A 534 -41.79 -4.02 -9.62
C ARG A 534 -41.65 -5.15 -8.59
N ILE A 535 -40.47 -5.74 -8.40
CA ILE A 535 -40.18 -6.64 -7.27
C ILE A 535 -40.25 -5.89 -5.93
N ALA A 536 -39.70 -4.68 -5.85
CA ALA A 536 -39.76 -3.86 -4.63
C ALA A 536 -41.17 -3.34 -4.30
N ILE A 537 -42.03 -3.12 -5.30
CA ILE A 537 -43.47 -2.84 -5.10
C ILE A 537 -44.18 -4.10 -4.59
N ALA A 538 -43.86 -5.30 -5.08
CA ALA A 538 -44.37 -6.55 -4.50
C ALA A 538 -43.90 -6.74 -3.04
N ARG A 539 -42.63 -6.41 -2.75
CA ARG A 539 -42.05 -6.35 -1.39
C ARG A 539 -42.77 -5.34 -0.47
N ALA A 540 -43.40 -4.30 -1.04
CA ALA A 540 -44.30 -3.42 -0.31
C ALA A 540 -45.69 -4.04 -0.10
N LEU A 541 -46.34 -4.51 -1.16
CA LEU A 541 -47.71 -5.05 -1.12
C LEU A 541 -47.88 -6.25 -0.18
N VAL A 542 -46.89 -7.16 -0.11
CA VAL A 542 -46.93 -8.36 0.76
C VAL A 542 -47.03 -8.04 2.26
N ARG A 543 -46.84 -6.78 2.66
CA ARG A 543 -47.04 -6.31 4.05
C ARG A 543 -48.51 -6.16 4.44
N ASN A 544 -49.42 -6.14 3.46
CA ASN A 544 -50.77 -5.56 3.62
C ASN A 544 -50.69 -4.10 4.15
N PRO A 545 -49.89 -3.21 3.53
CA PRO A 545 -49.62 -1.86 4.03
C PRO A 545 -50.87 -0.96 3.94
N LYS A 546 -50.96 0.04 4.81
CA LYS A 546 -52.05 1.04 4.82
C LYS A 546 -51.71 2.32 4.05
N ILE A 547 -50.42 2.61 3.85
CA ILE A 547 -49.91 3.90 3.37
C ILE A 547 -48.89 3.68 2.25
N LEU A 548 -48.88 4.55 1.24
CA LEU A 548 -47.82 4.61 0.21
C LEU A 548 -47.00 5.91 0.34
N LEU A 549 -45.68 5.82 0.16
CA LEU A 549 -44.71 6.91 0.28
C LEU A 549 -43.63 6.72 -0.79
N LEU A 550 -43.26 7.78 -1.53
CA LEU A 550 -42.51 7.66 -2.78
C LEU A 550 -41.30 8.61 -2.84
N ASP A 551 -40.08 8.06 -2.83
CA ASP A 551 -38.83 8.80 -3.02
C ASP A 551 -38.62 9.17 -4.52
N GLU A 552 -39.37 10.18 -5.01
CA GLU A 552 -39.32 10.70 -6.40
C GLU A 552 -39.55 9.59 -7.46
N ALA A 553 -40.41 8.62 -7.15
CA ALA A 553 -40.32 7.24 -7.66
C ALA A 553 -40.52 7.02 -9.17
N THR A 554 -40.94 8.03 -9.95
CA THR A 554 -40.98 7.96 -11.42
C THR A 554 -39.61 8.19 -12.06
N SER A 555 -38.71 8.91 -11.39
CA SER A 555 -37.35 9.21 -11.87
C SER A 555 -36.51 7.94 -12.03
N ALA A 556 -35.48 8.00 -12.89
CA ALA A 556 -34.49 6.94 -13.14
C ALA A 556 -35.00 5.57 -13.63
N LEU A 557 -36.31 5.41 -13.88
CA LEU A 557 -36.88 4.22 -14.48
C LEU A 557 -36.65 4.16 -16.01
N ASP A 558 -36.61 2.95 -16.57
CA ASP A 558 -36.67 2.75 -18.02
C ASP A 558 -38.06 3.15 -18.57
N THR A 559 -38.11 3.84 -19.71
CA THR A 559 -39.36 4.42 -20.25
C THR A 559 -40.43 3.39 -20.69
N GLU A 560 -40.08 2.10 -20.79
CA GLU A 560 -41.08 1.03 -20.87
C GLU A 560 -41.72 0.79 -19.51
N SER A 561 -40.92 0.41 -18.51
CA SER A 561 -41.43 0.04 -17.19
C SER A 561 -41.88 1.23 -16.35
N GLU A 562 -41.57 2.48 -16.69
CA GLU A 562 -42.10 3.67 -15.98
C GLU A 562 -43.64 3.69 -16.02
N ALA A 563 -44.23 3.47 -17.19
CA ALA A 563 -45.69 3.38 -17.33
C ALA A 563 -46.28 2.17 -16.60
N VAL A 564 -45.62 1.01 -16.69
CA VAL A 564 -46.04 -0.24 -16.02
C VAL A 564 -45.93 -0.12 -14.49
N VAL A 565 -44.96 0.65 -14.00
CA VAL A 565 -44.78 1.02 -12.58
C VAL A 565 -45.81 2.06 -12.14
N GLN A 566 -46.10 3.10 -12.93
CA GLN A 566 -47.15 4.06 -12.57
C GLN A 566 -48.50 3.35 -12.41
N ALA A 567 -48.85 2.48 -13.35
CA ALA A 567 -50.04 1.63 -13.23
C ALA A 567 -50.03 0.72 -11.98
N ALA A 568 -48.86 0.29 -11.48
CA ALA A 568 -48.75 -0.45 -10.22
C ALA A 568 -48.90 0.45 -8.99
N LEU A 569 -48.36 1.67 -9.02
CA LEU A 569 -48.45 2.66 -7.94
C LEU A 569 -49.83 3.34 -7.84
N ASP A 570 -50.58 3.36 -8.93
CA ASP A 570 -52.02 3.66 -8.93
C ASP A 570 -52.85 2.48 -8.41
N LYS A 571 -52.58 1.24 -8.86
CA LYS A 571 -53.21 0.01 -8.32
C LYS A 571 -52.98 -0.19 -6.81
N ALA A 572 -51.83 0.26 -6.28
CA ALA A 572 -51.48 0.17 -4.86
C ALA A 572 -52.18 1.21 -3.95
N ARG A 573 -53.22 1.90 -4.43
CA ARG A 573 -53.90 3.00 -3.71
C ARG A 573 -55.43 2.92 -3.84
N GLU A 574 -56.04 2.18 -2.93
CA GLU A 574 -57.51 2.05 -2.75
C GLU A 574 -58.21 3.36 -2.28
N GLY A 575 -57.94 4.50 -2.90
CA GLY A 575 -58.48 5.81 -2.50
C GLY A 575 -58.03 6.23 -1.10
N ARG A 576 -56.72 6.15 -0.83
CA ARG A 576 -56.18 6.05 0.53
C ARG A 576 -54.92 6.86 0.81
N THR A 577 -54.72 7.09 2.11
CA THR A 577 -53.59 7.78 2.77
C THR A 577 -52.26 7.56 2.06
N THR A 578 -51.77 8.58 1.35
CA THR A 578 -50.58 8.52 0.50
C THR A 578 -49.84 9.85 0.55
N ILE A 579 -48.51 9.81 0.42
CA ILE A 579 -47.66 10.98 0.28
C ILE A 579 -46.72 10.77 -0.92
N VAL A 580 -47.06 11.41 -2.04
CA VAL A 580 -46.40 11.21 -3.36
C VAL A 580 -45.51 12.38 -3.74
N ILE A 581 -44.33 12.04 -4.27
CA ILE A 581 -43.37 12.96 -4.89
C ILE A 581 -42.89 12.29 -6.19
N ALA A 582 -42.86 13.04 -7.29
CA ALA A 582 -42.53 12.54 -8.63
C ALA A 582 -42.09 13.69 -9.55
N HIS A 583 -41.36 13.37 -10.62
CA HIS A 583 -41.07 14.32 -11.71
C HIS A 583 -42.17 14.38 -12.78
N ARG A 584 -43.11 13.43 -12.77
CA ARG A 584 -44.30 13.40 -13.64
C ARG A 584 -45.51 13.97 -12.92
N LEU A 585 -46.16 14.99 -13.48
CA LEU A 585 -47.41 15.54 -12.93
C LEU A 585 -48.67 14.70 -13.29
N SER A 586 -48.50 13.44 -13.70
CA SER A 586 -49.58 12.44 -13.78
C SER A 586 -49.99 11.95 -12.39
N THR A 587 -49.06 11.36 -11.62
CA THR A 587 -49.33 10.87 -10.25
C THR A 587 -49.72 12.00 -9.29
N VAL A 588 -49.26 13.22 -9.55
CA VAL A 588 -49.66 14.45 -8.86
C VAL A 588 -51.14 14.78 -9.06
N ARG A 589 -51.75 14.40 -10.19
CA ARG A 589 -53.19 14.56 -10.47
C ARG A 589 -54.02 13.32 -10.11
N ASN A 590 -53.40 12.13 -10.07
CA ASN A 590 -54.00 10.90 -9.52
C ASN A 590 -54.10 10.96 -7.98
N ALA A 591 -54.50 12.09 -7.41
CA ALA A 591 -54.34 12.43 -6.00
C ALA A 591 -55.50 13.29 -5.48
N ASP A 592 -55.39 13.79 -4.24
CA ASP A 592 -56.51 14.39 -3.51
C ASP A 592 -56.20 15.85 -3.08
N VAL A 593 -54.93 16.19 -2.83
CA VAL A 593 -54.47 17.54 -2.43
C VAL A 593 -53.06 17.83 -2.96
N ILE A 594 -52.87 18.97 -3.64
CA ILE A 594 -51.56 19.56 -3.94
C ILE A 594 -50.99 20.25 -2.70
N ALA A 595 -49.69 20.10 -2.46
CA ALA A 595 -48.92 20.91 -1.51
C ALA A 595 -47.68 21.50 -2.19
N GLY A 596 -47.65 22.84 -2.36
CA GLY A 596 -46.61 23.57 -3.11
C GLY A 596 -45.46 24.09 -2.26
N PHE A 597 -44.22 23.92 -2.72
CA PHE A 597 -42.98 24.26 -2.00
C PHE A 597 -41.93 24.91 -2.93
N ASP A 598 -42.23 26.10 -3.47
CA ASP A 598 -41.21 26.96 -4.08
C ASP A 598 -40.15 27.33 -3.03
N GLY A 599 -38.99 26.68 -3.08
CA GLY A 599 -38.01 26.72 -2.00
C GLY A 599 -38.45 25.89 -0.80
N GLY A 600 -39.06 26.53 0.20
CA GLY A 600 -39.42 25.95 1.50
C GLY A 600 -40.65 26.60 2.12
N VAL A 601 -41.22 25.93 3.13
CA VAL A 601 -42.59 26.12 3.66
C VAL A 601 -43.66 25.79 2.61
N ILE A 602 -44.85 25.35 3.07
CA ILE A 602 -45.99 25.12 2.18
C ILE A 602 -46.60 26.46 1.76
N VAL A 603 -46.52 26.76 0.46
CA VAL A 603 -46.99 28.02 -0.15
C VAL A 603 -48.42 27.89 -0.68
N GLU A 604 -48.79 26.71 -1.20
CA GLU A 604 -50.13 26.40 -1.71
C GLU A 604 -50.64 25.07 -1.17
N GLN A 605 -51.96 24.98 -0.95
CA GLN A 605 -52.62 23.80 -0.37
C GLN A 605 -54.09 23.72 -0.82
N GLY A 606 -54.36 23.04 -1.93
CA GLY A 606 -55.69 22.94 -2.56
C GLY A 606 -55.73 21.79 -3.58
N ASN A 607 -56.84 21.64 -4.33
CA ASN A 607 -56.92 20.61 -5.38
C ASN A 607 -56.11 20.97 -6.65
N HIS A 608 -55.76 19.96 -7.46
CA HIS A 608 -55.09 20.14 -8.75
C HIS A 608 -55.97 20.89 -9.75
N ASP A 609 -57.29 20.67 -9.73
CA ASP A 609 -58.23 21.47 -10.53
C ASP A 609 -58.26 22.93 -10.03
N GLU A 610 -58.27 23.12 -8.71
CA GLU A 610 -58.41 24.41 -8.04
C GLU A 610 -57.27 25.36 -8.34
N LEU A 611 -56.03 24.91 -8.16
CA LEU A 611 -54.87 25.72 -8.46
C LEU A 611 -54.65 25.91 -9.98
N MET A 612 -55.37 25.15 -10.84
CA MET A 612 -55.47 25.38 -12.29
C MET A 612 -56.70 26.22 -12.71
N ARG A 613 -57.77 26.29 -11.90
CA ARG A 613 -58.86 27.27 -12.01
C ARG A 613 -58.33 28.65 -11.66
N GLU A 614 -57.78 28.78 -10.46
CA GLU A 614 -57.33 30.05 -9.88
C GLU A 614 -55.90 30.43 -10.31
N LYS A 615 -55.18 29.51 -10.96
CA LYS A 615 -53.93 29.72 -11.73
C LYS A 615 -52.73 30.16 -10.89
N GLY A 616 -52.54 29.50 -9.76
CA GLY A 616 -51.45 29.73 -8.80
C GLY A 616 -50.09 29.13 -9.17
N ILE A 617 -49.23 28.96 -8.18
CA ILE A 617 -47.87 28.40 -8.29
C ILE A 617 -47.89 26.95 -8.83
N TYR A 618 -48.90 26.13 -8.52
CA TYR A 618 -49.07 24.84 -9.20
C TYR A 618 -49.27 25.01 -10.70
N PHE A 619 -50.14 25.93 -11.15
CA PHE A 619 -50.32 26.20 -12.58
C PHE A 619 -49.04 26.75 -13.25
N LYS A 620 -48.27 27.60 -12.55
CA LYS A 620 -46.91 28.00 -12.96
C LYS A 620 -45.99 26.79 -13.17
N LEU A 621 -46.02 25.80 -12.27
CA LEU A 621 -45.26 24.54 -12.43
C LEU A 621 -45.83 23.63 -13.54
N VAL A 622 -47.14 23.58 -13.75
CA VAL A 622 -47.77 22.86 -14.88
C VAL A 622 -47.26 23.39 -16.22
N MET A 623 -47.05 24.70 -16.35
CA MET A 623 -46.46 25.33 -17.53
C MET A 623 -44.97 24.98 -17.77
N THR A 624 -44.31 24.24 -16.87
CA THR A 624 -42.94 23.73 -17.09
C THR A 624 -42.79 22.21 -16.89
N GLN A 625 -43.72 21.55 -16.19
CA GLN A 625 -43.66 20.12 -15.82
C GLN A 625 -44.89 19.29 -16.27
N THR A 626 -45.81 19.88 -17.03
CA THR A 626 -47.06 19.31 -17.59
C THR A 626 -47.97 18.69 -16.54
N ASP A 687 3.70 -1.96 -12.96
CA ASP A 687 4.75 -2.89 -12.57
C ASP A 687 4.88 -4.02 -13.60
N VAL A 688 5.99 -4.76 -13.61
CA VAL A 688 6.35 -5.75 -14.64
C VAL A 688 6.55 -7.15 -14.03
N PRO A 689 5.47 -7.94 -13.84
CA PRO A 689 5.54 -9.32 -13.34
C PRO A 689 6.49 -10.30 -14.06
N PRO A 690 6.76 -10.22 -15.39
CA PRO A 690 7.81 -11.03 -16.01
C PRO A 690 9.21 -10.53 -15.59
N ALA A 691 9.63 -10.96 -14.41
CA ALA A 691 10.93 -10.66 -13.81
C ALA A 691 12.10 -11.26 -14.61
N SER A 692 13.13 -10.44 -14.90
CA SER A 692 14.20 -10.80 -15.82
C SER A 692 15.30 -11.68 -15.19
N PHE A 693 16.12 -12.30 -16.05
CA PHE A 693 17.19 -13.22 -15.69
C PHE A 693 18.27 -13.24 -16.79
N TRP A 694 19.41 -13.91 -16.54
CA TRP A 694 20.60 -14.03 -17.41
C TRP A 694 21.27 -12.72 -17.83
N ARG A 695 20.60 -11.86 -18.62
CA ARG A 695 21.12 -10.56 -19.11
C ARG A 695 21.65 -9.68 -17.97
N ILE A 696 21.01 -9.78 -16.80
CA ILE A 696 21.38 -9.11 -15.54
C ILE A 696 22.86 -9.32 -15.19
N LEU A 697 23.41 -10.51 -15.42
CA LEU A 697 24.81 -10.83 -15.09
C LEU A 697 25.77 -10.05 -15.99
N LYS A 698 25.53 -10.02 -17.31
CA LYS A 698 26.37 -9.24 -18.23
C LYS A 698 26.21 -7.72 -18.04
N LEU A 699 25.01 -7.26 -17.67
CA LEU A 699 24.77 -5.87 -17.29
C LEU A 699 25.61 -5.48 -16.06
N ASN A 700 25.51 -6.21 -14.95
CA ASN A 700 26.31 -5.96 -13.75
C ASN A 700 27.83 -6.09 -14.00
N SER A 701 28.24 -7.06 -14.81
CA SER A 701 29.62 -7.20 -15.35
C SER A 701 30.09 -5.99 -16.19
N THR A 702 29.19 -5.10 -16.62
CA THR A 702 29.52 -3.83 -17.32
C THR A 702 29.46 -2.63 -16.36
N GLU A 703 28.65 -2.73 -15.31
CA GLU A 703 28.47 -1.69 -14.28
C GLU A 703 29.56 -1.69 -13.19
N TRP A 704 29.97 -2.86 -12.70
CA TRP A 704 30.74 -2.99 -11.45
C TRP A 704 32.24 -2.67 -11.59
N PRO A 705 32.87 -2.06 -10.57
CA PRO A 705 34.30 -1.76 -10.53
C PRO A 705 35.19 -2.96 -10.09
N TYR A 706 34.70 -4.21 -10.20
CA TYR A 706 35.46 -5.45 -9.94
C TYR A 706 36.27 -5.51 -8.62
N PHE A 707 35.70 -5.03 -7.50
CA PHE A 707 36.29 -5.11 -6.15
C PHE A 707 36.31 -6.55 -5.56
N VAL A 708 36.88 -7.51 -6.28
CA VAL A 708 36.87 -8.97 -5.95
C VAL A 708 37.49 -9.30 -4.58
N VAL A 709 38.37 -8.44 -4.03
CA VAL A 709 38.88 -8.56 -2.66
C VAL A 709 37.76 -8.60 -1.60
N GLY A 710 36.59 -8.01 -1.88
CA GLY A 710 35.41 -8.11 -1.01
C GLY A 710 34.86 -9.54 -0.90
N ILE A 711 35.02 -10.38 -1.94
CA ILE A 711 34.62 -11.79 -1.93
C ILE A 711 35.53 -12.59 -1.00
N PHE A 712 36.85 -12.42 -1.13
CA PHE A 712 37.83 -12.98 -0.20
C PHE A 712 37.57 -12.50 1.24
N CYS A 713 37.27 -11.22 1.42
CA CYS A 713 36.93 -10.66 2.72
C CYS A 713 35.68 -11.32 3.34
N ALA A 714 34.63 -11.54 2.55
CA ALA A 714 33.42 -12.23 3.02
C ALA A 714 33.69 -13.69 3.42
N ILE A 715 34.57 -14.38 2.69
CA ILE A 715 35.00 -15.76 3.00
C ILE A 715 35.71 -15.80 4.37
N ILE A 716 36.75 -14.99 4.57
CA ILE A 716 37.49 -14.98 5.85
C ILE A 716 36.65 -14.43 7.01
N ASN A 717 35.75 -13.48 6.75
CA ASN A 717 34.80 -12.99 7.76
C ASN A 717 33.86 -14.10 8.24
N GLY A 718 33.46 -15.01 7.34
CA GLY A 718 32.68 -16.20 7.68
C GLY A 718 33.49 -17.20 8.51
N GLY A 719 34.67 -17.58 8.03
CA GLY A 719 35.54 -18.57 8.68
C GLY A 719 36.09 -18.17 10.06
N LEU A 720 36.16 -16.86 10.35
CA LEU A 720 36.54 -16.37 11.68
C LEU A 720 35.51 -16.76 12.75
N GLN A 721 34.21 -16.78 12.43
CA GLN A 721 33.16 -17.01 13.43
C GLN A 721 33.22 -18.40 14.10
N PRO A 722 33.40 -19.55 13.38
CA PRO A 722 33.65 -20.83 14.03
C PRO A 722 35.01 -20.91 14.74
N ALA A 723 36.00 -20.08 14.42
CA ALA A 723 37.27 -20.06 15.17
C ALA A 723 37.10 -19.63 16.64
N PHE A 724 36.06 -18.84 16.97
CA PHE A 724 35.62 -18.57 18.35
C PHE A 724 35.34 -19.89 19.09
N SER A 725 34.58 -20.79 18.45
CA SER A 725 34.24 -22.11 18.98
C SER A 725 35.48 -23.03 19.08
N VAL A 726 36.44 -22.93 18.15
CA VAL A 726 37.71 -23.68 18.23
C VAL A 726 38.53 -23.29 19.47
N ILE A 727 38.73 -21.99 19.72
CA ILE A 727 39.49 -21.53 20.88
C ILE A 727 38.73 -21.81 22.19
N PHE A 728 37.40 -21.65 22.21
CA PHE A 728 36.57 -21.98 23.37
C PHE A 728 36.57 -23.51 23.66
N SER A 729 36.56 -24.36 22.63
CA SER A 729 36.75 -25.81 22.78
C SER A 729 38.09 -26.11 23.45
N LYS A 730 39.18 -25.49 22.98
CA LYS A 730 40.52 -25.66 23.56
C LYS A 730 40.61 -25.21 25.04
N VAL A 731 39.87 -24.17 25.43
CA VAL A 731 39.73 -23.75 26.83
C VAL A 731 39.04 -24.85 27.66
N VAL A 732 37.90 -25.38 27.20
CA VAL A 732 37.19 -26.48 27.89
C VAL A 732 38.04 -27.75 27.95
N GLY A 733 38.78 -28.06 26.90
CA GLY A 733 39.66 -29.22 26.84
C GLY A 733 40.76 -29.19 27.89
N VAL A 734 41.55 -28.11 27.95
CA VAL A 734 42.62 -27.98 28.96
C VAL A 734 42.06 -27.83 30.39
N PHE A 735 40.89 -27.21 30.56
CA PHE A 735 40.27 -27.02 31.88
C PHE A 735 39.62 -28.29 32.44
N THR A 736 39.09 -29.18 31.60
CA THR A 736 38.52 -30.48 32.04
C THR A 736 39.54 -31.61 32.10
N ASN A 737 40.60 -31.57 31.29
CA ASN A 737 41.49 -32.72 31.04
C ASN A 737 42.99 -32.38 30.98
N GLY A 738 43.42 -31.22 31.49
CA GLY A 738 44.84 -30.87 31.65
C GLY A 738 45.46 -31.34 32.98
N GLY A 739 44.65 -31.60 34.00
CA GLY A 739 45.10 -31.61 35.39
C GLY A 739 45.44 -30.19 35.90
N PRO A 740 45.87 -30.03 37.16
CA PRO A 740 46.31 -28.72 37.67
C PRO A 740 47.57 -28.08 37.04
N PRO A 741 48.55 -28.79 36.41
CA PRO A 741 49.78 -28.17 35.92
C PRO A 741 49.56 -27.01 34.95
N GLU A 742 50.32 -25.92 35.15
CA GLU A 742 50.27 -24.68 34.35
C GLU A 742 48.89 -23.98 34.22
N THR A 743 47.80 -24.51 34.77
CA THR A 743 46.40 -24.12 34.44
C THR A 743 46.14 -22.62 34.38
N GLN A 744 46.53 -21.84 35.39
CA GLN A 744 46.39 -20.38 35.39
C GLN A 744 47.11 -19.71 34.20
N ARG A 745 48.30 -20.20 33.83
CA ARG A 745 49.05 -19.74 32.64
C ARG A 745 48.43 -20.23 31.34
N GLN A 746 47.94 -21.46 31.25
CA GLN A 746 47.23 -21.94 30.04
C GLN A 746 45.94 -21.14 29.81
N ASN A 747 45.16 -20.89 30.87
CA ASN A 747 43.97 -20.05 30.83
C ASN A 747 44.30 -18.61 30.43
N SER A 748 45.32 -17.99 31.03
CA SER A 748 45.79 -16.65 30.67
C SER A 748 46.23 -16.56 29.19
N ASN A 749 46.96 -17.56 28.69
CA ASN A 749 47.41 -17.62 27.29
C ASN A 749 46.22 -17.76 26.32
N LEU A 750 45.30 -18.69 26.59
CA LEU A 750 44.10 -18.88 25.75
C LEU A 750 43.13 -17.70 25.83
N PHE A 751 43.01 -17.03 26.99
CA PHE A 751 42.27 -15.77 27.13
C PHE A 751 42.84 -14.67 26.23
N SER A 752 44.16 -14.46 26.27
CA SER A 752 44.85 -13.46 25.43
C SER A 752 44.64 -13.74 23.95
N LEU A 753 44.82 -15.01 23.53
CA LEU A 753 44.56 -15.46 22.17
C LEU A 753 43.10 -15.23 21.74
N LEU A 754 42.13 -15.65 22.56
CA LEU A 754 40.70 -15.52 22.30
C LEU A 754 40.27 -14.05 22.12
N PHE A 755 40.72 -13.17 23.03
CA PHE A 755 40.38 -11.75 23.03
C PHE A 755 40.95 -11.04 21.78
N LEU A 756 42.23 -11.29 21.46
CA LEU A 756 42.91 -10.67 20.34
C LEU A 756 42.42 -11.20 18.98
N ILE A 757 42.32 -12.52 18.80
CA ILE A 757 42.01 -13.12 17.49
C ILE A 757 40.62 -12.70 16.99
N LEU A 758 39.63 -12.66 17.89
CA LEU A 758 38.26 -12.26 17.55
C LEU A 758 38.10 -10.74 17.48
N GLY A 759 38.60 -10.02 18.49
CA GLY A 759 38.44 -8.57 18.59
C GLY A 759 39.11 -7.79 17.46
N ILE A 760 40.32 -8.21 17.05
CA ILE A 760 41.04 -7.57 15.94
C ILE A 760 40.47 -8.02 14.58
N ILE A 761 40.41 -9.33 14.31
CA ILE A 761 40.09 -9.81 12.97
C ILE A 761 38.63 -9.53 12.61
N SER A 762 37.67 -9.92 13.46
CA SER A 762 36.23 -9.81 13.12
C SER A 762 35.81 -8.37 12.84
N PHE A 763 36.33 -7.42 13.62
CA PHE A 763 36.13 -5.98 13.40
C PHE A 763 36.61 -5.57 12.00
N ILE A 764 37.85 -5.94 11.63
CA ILE A 764 38.45 -5.62 10.34
C ILE A 764 37.70 -6.30 9.18
N THR A 765 37.33 -7.58 9.32
CA THR A 765 36.72 -8.37 8.23
C THR A 765 35.26 -7.98 7.99
N PHE A 766 34.46 -7.68 9.02
CA PHE A 766 33.14 -7.06 8.82
C PHE A 766 33.26 -5.65 8.22
N PHE A 767 34.17 -4.83 8.73
CA PHE A 767 34.41 -3.48 8.21
C PHE A 767 34.77 -3.48 6.72
N LEU A 768 35.76 -4.29 6.32
CA LEU A 768 36.22 -4.37 4.93
C LEU A 768 35.18 -5.03 4.01
N GLN A 769 34.42 -6.03 4.47
CA GLN A 769 33.31 -6.61 3.70
C GLN A 769 32.23 -5.54 3.42
N GLY A 770 31.78 -4.83 4.46
CA GLY A 770 30.78 -3.76 4.32
C GLY A 770 31.27 -2.59 3.45
N PHE A 771 32.51 -2.14 3.67
CA PHE A 771 33.11 -1.04 2.92
C PHE A 771 33.41 -1.40 1.45
N THR A 772 33.69 -2.66 1.11
CA THR A 772 33.87 -3.09 -0.29
C THR A 772 32.55 -3.16 -1.05
N PHE A 773 31.51 -3.86 -0.54
CA PHE A 773 30.22 -3.89 -1.26
C PHE A 773 29.50 -2.53 -1.26
N GLY A 774 29.67 -1.72 -0.20
CA GLY A 774 29.17 -0.34 -0.16
C GLY A 774 29.66 0.47 -1.36
N LYS A 775 30.99 0.55 -1.54
CA LYS A 775 31.60 1.26 -2.67
C LYS A 775 31.21 0.69 -4.05
N ALA A 776 30.99 -0.62 -4.18
CA ALA A 776 30.46 -1.20 -5.42
C ALA A 776 29.03 -0.70 -5.72
N GLY A 777 28.18 -0.65 -4.69
CA GLY A 777 26.85 -0.07 -4.76
C GLY A 777 26.83 1.44 -5.02
N GLU A 778 27.78 2.21 -4.48
CA GLU A 778 27.95 3.64 -4.78
C GLU A 778 28.18 3.90 -6.29
N ILE A 779 28.97 3.05 -6.95
CA ILE A 779 29.14 3.11 -8.41
C ILE A 779 27.84 2.71 -9.10
N LEU A 780 27.28 1.55 -8.77
CA LEU A 780 26.09 0.96 -9.42
C LEU A 780 24.86 1.88 -9.39
N THR A 781 24.50 2.40 -8.21
CA THR A 781 23.34 3.30 -8.04
C THR A 781 23.50 4.60 -8.84
N LYS A 782 24.73 5.14 -8.96
CA LYS A 782 25.01 6.35 -9.76
C LYS A 782 25.01 6.05 -11.27
N ARG A 783 25.71 4.99 -11.69
CA ARG A 783 25.98 4.64 -13.09
C ARG A 783 24.69 4.21 -13.80
N LEU A 784 23.87 3.35 -13.18
CA LEU A 784 22.54 3.01 -13.69
C LEU A 784 21.65 4.25 -13.83
N ARG A 785 21.49 5.06 -12.78
CA ARG A 785 20.64 6.27 -12.80
C ARG A 785 21.01 7.23 -13.93
N TYR A 786 22.30 7.52 -14.12
CA TYR A 786 22.76 8.35 -15.22
C TYR A 786 22.36 7.76 -16.59
N MET A 787 22.59 6.47 -16.81
CA MET A 787 22.28 5.84 -18.10
C MET A 787 20.76 5.79 -18.37
N VAL A 788 19.93 5.39 -17.39
CA VAL A 788 18.47 5.32 -17.60
C VAL A 788 17.82 6.69 -17.72
N PHE A 789 18.20 7.70 -16.92
CA PHE A 789 17.67 9.06 -17.06
C PHE A 789 18.07 9.70 -18.40
N LYS A 790 19.32 9.52 -18.83
CA LYS A 790 19.77 9.93 -20.17
C LYS A 790 18.99 9.21 -21.28
N SER A 791 18.61 7.94 -21.06
CA SER A 791 17.79 7.19 -22.00
C SER A 791 16.35 7.73 -22.07
N MET A 792 15.69 7.98 -20.92
CA MET A 792 14.38 8.64 -20.82
C MET A 792 14.36 9.99 -21.55
N LEU A 793 15.37 10.83 -21.28
CA LEU A 793 15.50 12.16 -21.90
C LEU A 793 15.82 12.10 -23.41
N ARG A 794 16.05 10.90 -23.98
CA ARG A 794 16.12 10.60 -25.42
C ARG A 794 15.04 9.60 -25.89
N GLN A 795 13.89 9.54 -25.22
CA GLN A 795 12.66 8.89 -25.71
C GLN A 795 11.41 9.36 -24.94
N ASP A 796 10.72 10.34 -25.49
CA ASP A 796 9.33 10.66 -25.14
C ASP A 796 8.35 9.69 -25.81
N VAL A 797 8.48 9.47 -27.13
CA VAL A 797 7.64 8.52 -27.89
C VAL A 797 7.83 7.06 -27.42
N SER A 798 6.75 6.27 -27.46
CA SER A 798 6.61 4.93 -26.88
C SER A 798 6.93 4.86 -25.37
N TRP A 799 6.62 5.94 -24.64
CA TRP A 799 6.78 6.04 -23.17
C TRP A 799 6.00 7.18 -22.49
N PHE A 800 5.63 8.26 -23.20
CA PHE A 800 4.73 9.32 -22.71
C PHE A 800 3.32 9.23 -23.31
N ASP A 801 3.18 8.50 -24.42
CA ASP A 801 1.94 7.93 -24.95
C ASP A 801 1.42 6.74 -24.13
N ASP A 802 2.27 6.12 -23.32
CA ASP A 802 1.90 5.05 -22.39
C ASP A 802 0.92 5.60 -21.32
N PRO A 803 -0.39 5.24 -21.33
CA PRO A 803 -1.31 5.68 -20.29
C PRO A 803 -0.96 5.05 -18.93
N LYS A 804 -0.22 3.93 -18.97
CA LYS A 804 0.38 3.21 -17.83
C LYS A 804 1.68 3.82 -17.30
N ASN A 805 2.10 5.00 -17.80
CA ASN A 805 3.19 5.78 -17.21
C ASN A 805 2.68 7.12 -16.63
N THR A 806 3.43 7.65 -15.66
CA THR A 806 3.26 8.97 -15.03
C THR A 806 4.66 9.49 -14.68
N THR A 807 4.95 10.78 -14.84
CA THR A 807 6.31 11.32 -14.62
C THR A 807 6.84 10.99 -13.22
N GLY A 808 6.08 11.34 -12.18
CA GLY A 808 6.41 11.01 -10.79
C GLY A 808 6.54 9.52 -10.52
N ALA A 809 5.72 8.68 -11.16
CA ALA A 809 5.85 7.23 -11.06
C ALA A 809 7.17 6.72 -11.66
N LEU A 810 7.62 7.24 -12.80
CA LEU A 810 8.95 6.98 -13.35
C LEU A 810 10.05 7.46 -12.39
N THR A 811 9.88 8.62 -11.75
CA THR A 811 10.79 9.09 -10.69
C THR A 811 10.79 8.18 -9.44
N THR A 812 9.68 7.51 -9.11
CA THR A 812 9.70 6.42 -8.10
C THR A 812 10.48 5.20 -8.57
N ARG A 813 10.46 4.83 -9.87
CA ARG A 813 11.33 3.75 -10.39
C ARG A 813 12.81 4.14 -10.30
N LEU A 814 13.15 5.39 -10.66
CA LEU A 814 14.50 5.96 -10.43
C LEU A 814 14.90 5.93 -8.95
N ALA A 815 13.96 6.16 -8.02
CA ALA A 815 14.19 6.04 -6.59
C ALA A 815 14.45 4.57 -6.17
N ASN A 816 13.48 3.70 -6.45
CA ASN A 816 13.39 2.33 -5.94
C ASN A 816 14.37 1.36 -6.60
N ASP A 817 14.39 1.25 -7.93
CA ASP A 817 15.20 0.23 -8.63
C ASP A 817 16.70 0.40 -8.36
N ALA A 818 17.17 1.64 -8.39
CA ALA A 818 18.56 1.99 -8.12
C ALA A 818 18.98 1.77 -6.65
N ALA A 819 18.03 1.63 -5.72
CA ALA A 819 18.25 1.23 -4.33
C ALA A 819 18.12 -0.30 -4.14
N GLN A 820 17.09 -0.92 -4.74
CA GLN A 820 16.85 -2.36 -4.69
C GLN A 820 18.00 -3.16 -5.33
N VAL A 821 18.51 -2.69 -6.47
CA VAL A 821 19.70 -3.28 -7.11
C VAL A 821 20.97 -3.07 -6.28
N LYS A 822 21.04 -2.01 -5.45
CA LYS A 822 22.13 -1.80 -4.48
C LYS A 822 22.09 -2.87 -3.38
N GLY A 823 20.92 -3.12 -2.80
CA GLY A 823 20.70 -4.21 -1.83
C GLY A 823 21.01 -5.60 -2.41
N ALA A 824 20.72 -5.79 -3.70
CA ALA A 824 21.09 -6.97 -4.47
C ALA A 824 22.60 -7.16 -4.74
N THR A 825 23.47 -6.27 -4.25
CA THR A 825 24.93 -6.51 -4.18
C THR A 825 25.34 -7.10 -2.82
N GLY A 826 25.22 -6.35 -1.72
CA GLY A 826 25.75 -6.72 -0.40
C GLY A 826 25.15 -8.00 0.18
N SER A 827 23.86 -8.24 -0.05
CA SER A 827 23.19 -9.50 0.32
C SER A 827 23.86 -10.74 -0.26
N ARG A 828 24.46 -10.64 -1.46
CA ARG A 828 25.14 -11.77 -2.11
C ARG A 828 26.48 -12.08 -1.44
N LEU A 829 27.20 -11.05 -0.97
CA LEU A 829 28.40 -11.24 -0.13
C LEU A 829 28.03 -11.78 1.26
N ALA A 830 26.88 -11.41 1.83
CA ALA A 830 26.36 -12.00 3.06
C ALA A 830 26.00 -13.50 2.88
N VAL A 831 25.42 -13.88 1.73
CA VAL A 831 25.21 -15.29 1.34
C VAL A 831 26.54 -16.04 1.19
N ILE A 832 27.60 -15.42 0.68
CA ILE A 832 28.95 -16.04 0.64
C ILE A 832 29.51 -16.22 2.05
N PHE A 833 29.43 -15.20 2.90
CA PHE A 833 29.86 -15.23 4.31
C PHE A 833 29.23 -16.39 5.10
N GLN A 834 27.90 -16.55 5.04
CA GLN A 834 27.21 -17.58 5.84
C GLN A 834 27.55 -19.00 5.39
N ASN A 835 27.82 -19.23 4.09
CA ASN A 835 28.25 -20.55 3.60
C ASN A 835 29.57 -20.99 4.24
N ILE A 836 30.51 -20.06 4.46
CA ILE A 836 31.82 -20.37 5.04
C ILE A 836 31.77 -20.46 6.57
N ALA A 837 30.95 -19.65 7.25
CA ALA A 837 30.69 -19.83 8.69
C ALA A 837 30.00 -21.18 9.00
N ASN A 838 29.13 -21.62 8.09
CA ASN A 838 28.50 -22.94 8.06
C ASN A 838 29.45 -23.97 7.39
N LEU A 839 28.94 -24.82 6.48
CA LEU A 839 29.62 -26.00 5.94
C LEU A 839 31.01 -25.75 5.35
N GLY A 840 31.30 -24.57 4.80
CA GLY A 840 32.61 -24.23 4.23
C GLY A 840 33.76 -24.27 5.23
N THR A 841 33.49 -24.10 6.54
CA THR A 841 34.43 -24.44 7.61
C THR A 841 33.97 -25.67 8.40
N GLY A 842 32.65 -25.87 8.58
CA GLY A 842 32.07 -26.97 9.35
C GLY A 842 32.45 -28.37 8.85
N ILE A 843 32.54 -28.58 7.53
CA ILE A 843 33.00 -29.85 6.95
C ILE A 843 34.51 -30.07 7.20
N ILE A 844 35.31 -29.00 7.17
CA ILE A 844 36.74 -29.06 7.49
C ILE A 844 36.96 -29.40 8.97
N ILE A 845 36.13 -28.83 9.86
CA ILE A 845 36.09 -29.18 11.28
C ILE A 845 35.67 -30.64 11.48
N SER A 846 34.74 -31.16 10.67
CA SER A 846 34.35 -32.59 10.70
C SER A 846 35.47 -33.56 10.29
N LEU A 847 36.61 -33.10 9.77
CA LEU A 847 37.78 -33.96 9.53
C LEU A 847 38.49 -34.40 10.82
N ILE A 848 38.15 -33.80 11.97
CA ILE A 848 38.62 -34.19 13.31
C ILE A 848 37.47 -34.67 14.22
N TYR A 849 36.34 -35.08 13.64
CA TYR A 849 35.26 -35.77 14.34
C TYR A 849 35.45 -37.29 14.26
N GLY A 850 35.20 -38.00 15.36
CA GLY A 850 35.25 -39.48 15.43
C GLY A 850 34.05 -40.17 14.79
N TRP A 851 33.52 -39.63 13.68
CA TRP A 851 32.26 -39.96 13.00
C TRP A 851 30.96 -39.78 13.83
N GLN A 852 30.95 -40.07 15.13
CA GLN A 852 29.80 -39.83 16.03
C GLN A 852 29.32 -38.37 15.99
N LEU A 853 30.24 -37.41 16.09
CA LEU A 853 29.96 -35.98 15.98
C LEU A 853 29.53 -35.56 14.56
N THR A 854 29.93 -36.29 13.52
CA THR A 854 29.45 -36.09 12.14
C THR A 854 28.01 -36.57 11.99
N LEU A 855 27.68 -37.75 12.52
CA LEU A 855 26.31 -38.26 12.61
C LEU A 855 25.41 -37.30 13.41
N LEU A 856 25.90 -36.77 14.53
CA LEU A 856 25.20 -35.76 15.33
C LEU A 856 24.85 -34.51 14.52
N LEU A 857 25.84 -33.94 13.81
CA LEU A 857 25.66 -32.76 12.98
C LEU A 857 24.66 -33.01 11.84
N LEU A 858 24.79 -34.13 11.13
CA LEU A 858 23.91 -34.52 10.01
C LEU A 858 22.49 -34.91 10.46
N ALA A 859 22.31 -35.46 11.66
CA ALA A 859 20.99 -35.77 12.21
C ALA A 859 20.22 -34.52 12.64
N ILE A 860 20.91 -33.41 12.94
CA ILE A 860 20.27 -32.18 13.44
C ILE A 860 20.08 -31.13 12.33
N VAL A 861 21.15 -30.70 11.66
CA VAL A 861 21.15 -29.51 10.79
C VAL A 861 20.11 -29.54 9.66
N PRO A 862 20.07 -30.56 8.77
CA PRO A 862 19.04 -30.61 7.73
C PRO A 862 17.63 -30.79 8.31
N ILE A 863 17.49 -31.49 9.45
CA ILE A 863 16.19 -31.77 10.04
C ILE A 863 15.57 -30.50 10.67
N ILE A 864 16.35 -29.66 11.38
CA ILE A 864 15.86 -28.37 11.89
C ILE A 864 15.55 -27.36 10.77
N ALA A 865 16.29 -27.43 9.65
CA ALA A 865 16.01 -26.66 8.44
C ALA A 865 14.69 -27.10 7.80
N ILE A 866 14.46 -28.42 7.66
CA ILE A 866 13.19 -29.01 7.21
C ILE A 866 12.05 -28.65 8.16
N ALA A 867 12.25 -28.68 9.48
CA ALA A 867 11.23 -28.33 10.47
C ALA A 867 10.69 -26.91 10.27
N GLY A 868 11.57 -25.91 10.19
CA GLY A 868 11.18 -24.52 9.94
C GLY A 868 10.52 -24.33 8.56
N VAL A 869 11.00 -25.03 7.53
CA VAL A 869 10.44 -25.04 6.17
C VAL A 869 9.09 -25.79 6.08
N VAL A 870 8.76 -26.67 7.04
CA VAL A 870 7.43 -27.27 7.22
C VAL A 870 6.51 -26.35 8.02
N GLU A 871 7.01 -25.80 9.14
CA GLU A 871 6.33 -24.85 10.03
C GLU A 871 5.76 -23.63 9.29
N MET A 872 6.54 -23.13 8.30
CA MET A 872 6.13 -22.18 7.26
C MET A 872 4.81 -22.57 6.57
N LYS A 873 4.76 -23.79 6.04
CA LYS A 873 3.65 -24.36 5.25
C LYS A 873 2.44 -24.70 6.11
N MET A 874 2.66 -25.20 7.34
CA MET A 874 1.58 -25.50 8.27
C MET A 874 0.79 -24.24 8.62
N LEU A 875 1.47 -23.13 8.92
CA LEU A 875 0.86 -21.84 9.21
C LEU A 875 0.11 -21.24 8.00
N SER A 876 0.83 -21.03 6.89
CA SER A 876 0.26 -20.41 5.68
C SER A 876 -0.88 -21.23 5.04
N GLY A 877 -0.80 -22.56 5.13
CA GLY A 877 -1.85 -23.48 4.66
C GLY A 877 -3.17 -23.39 5.43
N GLN A 878 -3.19 -22.82 6.65
CA GLN A 878 -4.44 -22.42 7.29
C GLN A 878 -4.86 -21.03 6.83
N ALA A 879 -3.95 -20.05 6.89
CA ALA A 879 -4.26 -18.63 6.79
C ALA A 879 -4.99 -18.23 5.50
N LEU A 880 -4.61 -18.80 4.35
CA LEU A 880 -5.29 -18.54 3.08
C LEU A 880 -6.75 -19.06 3.09
N LYS A 881 -6.96 -20.26 3.65
CA LYS A 881 -8.28 -20.90 3.77
C LYS A 881 -9.15 -20.22 4.82
N ASP A 882 -8.58 -19.81 5.96
CA ASP A 882 -9.21 -18.94 6.96
C ASP A 882 -9.71 -17.63 6.32
N LYS A 883 -8.88 -16.98 5.49
CA LYS A 883 -9.25 -15.74 4.79
C LYS A 883 -10.39 -15.95 3.79
N LYS A 884 -10.44 -17.06 3.04
CA LYS A 884 -11.55 -17.34 2.11
C LYS A 884 -12.86 -17.71 2.82
N GLU A 885 -12.83 -18.39 3.96
CA GLU A 885 -14.02 -18.57 4.80
C GLU A 885 -14.52 -17.24 5.38
N LEU A 886 -13.62 -16.36 5.81
CA LEU A 886 -13.95 -15.01 6.27
C LEU A 886 -14.50 -14.11 5.13
N GLU A 887 -13.94 -14.21 3.92
CA GLU A 887 -14.35 -13.45 2.73
C GLU A 887 -15.80 -13.77 2.31
N GLY A 888 -16.13 -15.06 2.20
CA GLY A 888 -17.52 -15.48 1.95
C GLY A 888 -18.47 -15.02 3.05
N SER A 889 -18.05 -15.13 4.32
CA SER A 889 -18.81 -14.60 5.46
C SER A 889 -18.87 -13.06 5.53
N GLY A 890 -18.06 -12.34 4.76
CA GLY A 890 -18.03 -10.88 4.67
C GLY A 890 -18.96 -10.33 3.60
N LYS A 891 -19.09 -11.02 2.46
CA LYS A 891 -20.04 -10.61 1.39
C LYS A 891 -21.47 -10.52 1.91
N ILE A 892 -21.91 -11.54 2.66
CA ILE A 892 -23.23 -11.56 3.33
C ILE A 892 -23.38 -10.56 4.51
N ALA A 893 -22.29 -9.92 4.95
CA ALA A 893 -22.34 -8.85 5.94
C ALA A 893 -22.49 -7.47 5.27
N THR A 894 -21.72 -7.18 4.22
CA THR A 894 -21.84 -5.90 3.48
C THR A 894 -23.18 -5.81 2.72
N GLU A 895 -23.65 -6.93 2.15
CA GLU A 895 -25.02 -7.07 1.61
C GLU A 895 -26.14 -6.86 2.65
N ALA A 896 -25.86 -6.80 3.94
CA ALA A 896 -26.87 -6.51 4.96
C ALA A 896 -27.04 -5.02 5.29
N ILE A 897 -26.10 -4.16 4.86
CA ILE A 897 -26.06 -2.75 5.26
C ILE A 897 -25.96 -1.76 4.07
N GLU A 898 -25.24 -2.08 3.01
CA GLU A 898 -25.29 -1.31 1.75
C GLU A 898 -26.71 -1.33 1.14
N ASN A 899 -27.38 -2.48 1.25
CA ASN A 899 -28.79 -2.67 0.96
C ASN A 899 -29.69 -2.02 2.04
N PHE A 900 -29.47 -0.73 2.32
CA PHE A 900 -29.99 0.02 3.48
C PHE A 900 -31.52 -0.01 3.59
N ARG A 901 -32.25 -0.21 2.49
CA ARG A 901 -33.72 -0.38 2.50
C ARG A 901 -34.18 -1.75 3.04
N THR A 902 -33.24 -2.53 3.59
CA THR A 902 -33.46 -3.65 4.53
C THR A 902 -33.59 -3.18 5.99
N VAL A 903 -32.94 -2.08 6.39
CA VAL A 903 -33.21 -1.41 7.68
C VAL A 903 -34.65 -0.87 7.70
N VAL A 904 -35.19 -0.52 6.52
CA VAL A 904 -36.58 -0.14 6.26
C VAL A 904 -37.56 -1.35 6.23
N SER A 905 -37.08 -2.58 6.50
CA SER A 905 -37.95 -3.73 6.82
C SER A 905 -37.65 -4.36 8.19
N LEU A 906 -36.41 -4.31 8.69
CA LEU A 906 -36.01 -4.51 10.10
C LEU A 906 -36.26 -5.90 10.73
N THR A 907 -37.16 -6.71 10.16
CA THR A 907 -37.45 -8.08 10.58
C THR A 907 -36.47 -9.11 9.97
N ARG A 908 -35.70 -8.76 8.93
CA ARG A 908 -34.63 -9.61 8.36
C ARG A 908 -33.34 -9.63 9.20
N GLU A 909 -33.23 -8.77 10.20
CA GLU A 909 -32.07 -8.62 11.11
C GLU A 909 -31.60 -9.98 11.69
N GLN A 910 -32.44 -10.63 12.48
CA GLN A 910 -32.10 -11.88 13.14
C GLN A 910 -32.01 -13.08 12.17
N LYS A 911 -32.55 -12.94 10.95
CA LYS A 911 -32.33 -13.90 9.84
C LYS A 911 -30.94 -13.76 9.23
N PHE A 912 -30.40 -12.54 9.11
CA PHE A 912 -28.98 -12.34 8.80
C PHE A 912 -28.09 -12.89 9.92
N GLU A 913 -28.40 -12.63 11.19
CA GLU A 913 -27.65 -13.23 12.32
C GLU A 913 -27.71 -14.78 12.28
N THR A 914 -28.85 -15.36 11.90
CA THR A 914 -28.99 -16.81 11.69
C THR A 914 -28.07 -17.32 10.56
N MET A 915 -27.92 -16.58 9.46
CA MET A 915 -26.93 -16.88 8.41
C MET A 915 -25.50 -16.81 8.97
N TYR A 916 -25.17 -15.77 9.75
CA TYR A 916 -23.86 -15.59 10.38
C TYR A 916 -23.55 -16.69 11.40
N ALA A 917 -24.53 -17.17 12.15
CA ALA A 917 -24.37 -18.24 13.14
C ALA A 917 -23.88 -19.56 12.54
N GLN A 918 -24.22 -19.85 11.27
CA GLN A 918 -23.61 -20.95 10.51
C GLN A 918 -22.34 -20.52 9.76
N SER A 919 -22.32 -19.32 9.17
CA SER A 919 -21.20 -18.83 8.35
C SER A 919 -19.91 -18.63 9.16
N LEU A 920 -19.97 -17.96 10.32
CA LEU A 920 -18.86 -17.84 11.26
C LEU A 920 -18.44 -19.19 11.89
N GLN A 921 -19.29 -20.20 11.77
CA GLN A 921 -19.03 -21.53 12.32
C GLN A 921 -18.03 -22.34 11.49
N ILE A 922 -17.94 -22.16 10.16
CA ILE A 922 -16.92 -22.87 9.34
C ILE A 922 -15.47 -22.40 9.62
N PRO A 923 -15.12 -21.10 9.70
CA PRO A 923 -13.78 -20.72 10.13
C PRO A 923 -13.52 -21.03 11.62
N TYR A 924 -14.55 -21.03 12.50
CA TYR A 924 -14.35 -21.47 13.88
C TYR A 924 -14.04 -22.98 13.98
N ARG A 925 -14.74 -23.83 13.21
CA ARG A 925 -14.38 -25.25 13.04
C ARG A 925 -12.95 -25.40 12.48
N ASN A 926 -12.53 -24.55 11.53
CA ASN A 926 -11.16 -24.53 11.04
C ASN A 926 -10.13 -24.12 12.11
N ALA A 927 -10.49 -23.19 13.01
CA ALA A 927 -9.68 -22.79 14.15
C ALA A 927 -9.57 -23.88 15.23
N MET A 928 -10.67 -24.56 15.55
CA MET A 928 -10.67 -25.73 16.45
C MET A 928 -9.77 -26.84 15.91
N LYS A 929 -9.85 -27.11 14.60
CA LYS A 929 -8.96 -28.05 13.89
C LYS A 929 -7.49 -27.63 13.97
N LYS A 930 -7.15 -26.38 13.61
CA LYS A 930 -5.73 -25.95 13.57
C LYS A 930 -5.07 -25.80 14.94
N ALA A 931 -5.85 -25.72 16.03
CA ALA A 931 -5.33 -25.80 17.39
C ALA A 931 -4.59 -27.13 17.66
N HIS A 932 -5.04 -28.24 17.07
CA HIS A 932 -4.30 -29.52 17.08
C HIS A 932 -3.09 -29.47 16.15
N VAL A 933 -3.25 -29.02 14.90
CA VAL A 933 -2.19 -29.00 13.88
C VAL A 933 -0.98 -28.17 14.34
N PHE A 934 -1.20 -26.92 14.73
CA PHE A 934 -0.15 -26.06 15.29
C PHE A 934 0.41 -26.63 16.60
N GLY A 935 -0.43 -27.31 17.39
CA GLY A 935 -0.02 -27.96 18.63
C GLY A 935 1.05 -29.04 18.39
N ILE A 936 0.81 -29.95 17.44
CA ILE A 936 1.76 -31.02 17.14
C ILE A 936 3.01 -30.51 16.40
N THR A 937 2.92 -29.53 15.49
CA THR A 937 4.11 -29.01 14.81
C THR A 937 4.98 -28.18 15.74
N PHE A 938 4.40 -27.26 16.53
CA PHE A 938 5.15 -26.51 17.54
C PHE A 938 5.74 -27.41 18.64
N SER A 939 5.05 -28.51 18.99
CA SER A 939 5.58 -29.55 19.90
C SER A 939 6.78 -30.30 19.29
N PHE A 940 6.72 -30.70 18.01
CA PHE A 940 7.86 -31.26 17.27
C PHE A 940 9.04 -30.27 17.15
N THR A 941 8.76 -28.98 16.97
CA THR A 941 9.76 -27.91 17.01
C THR A 941 10.48 -27.83 18.37
N GLN A 942 9.87 -28.28 19.49
CA GLN A 942 10.58 -28.50 20.76
C GLN A 942 11.33 -29.84 20.80
N ALA A 943 10.76 -30.90 20.21
CA ALA A 943 11.33 -32.26 20.21
C ALA A 943 12.76 -32.30 19.65
N MET A 944 13.07 -31.47 18.66
CA MET A 944 14.41 -31.33 18.11
C MET A 944 15.45 -30.83 19.14
N MET A 945 15.05 -30.07 20.16
CA MET A 945 15.97 -29.68 21.24
C MET A 945 16.28 -30.87 22.17
N TYR A 946 15.27 -31.65 22.59
CA TYR A 946 15.49 -32.90 23.32
C TYR A 946 16.38 -33.85 22.52
N PHE A 947 16.06 -34.09 21.24
CA PHE A 947 16.81 -34.97 20.35
C PHE A 947 18.27 -34.53 20.19
N SER A 948 18.52 -33.23 20.01
CA SER A 948 19.87 -32.66 19.89
C SER A 948 20.76 -32.98 21.10
N TYR A 949 20.26 -32.68 22.31
CA TYR A 949 21.00 -32.97 23.55
C TYR A 949 21.12 -34.48 23.79
N ALA A 950 20.02 -35.23 23.64
CA ALA A 950 19.99 -36.67 23.86
C ALA A 950 20.93 -37.44 22.94
N ALA A 951 21.03 -37.05 21.66
CA ALA A 951 22.01 -37.60 20.74
C ALA A 951 23.45 -37.18 21.11
N CYS A 952 23.68 -35.91 21.49
CA CYS A 952 25.01 -35.46 21.90
C CYS A 952 25.55 -36.22 23.12
N PHE A 953 24.69 -36.50 24.11
CA PHE A 953 25.03 -37.35 25.25
C PHE A 953 25.25 -38.81 24.79
N ARG A 954 24.25 -39.43 24.15
CA ARG A 954 24.23 -40.88 23.85
C ARG A 954 25.17 -41.32 22.72
N PHE A 955 25.74 -40.39 21.94
CA PHE A 955 26.81 -40.69 20.96
C PHE A 955 28.23 -40.51 21.53
N GLY A 956 28.38 -39.92 22.73
CA GLY A 956 29.62 -39.92 23.50
C GLY A 956 29.68 -41.07 24.53
N ALA A 957 28.55 -41.26 25.23
CA ALA A 957 28.37 -42.26 26.28
C ALA A 957 28.81 -43.67 25.86
N TYR A 958 29.43 -44.36 26.82
CA TYR A 958 30.01 -45.71 26.74
C TYR A 958 31.13 -45.84 25.68
N LEU A 959 30.79 -45.74 24.40
CA LEU A 959 31.64 -46.04 23.24
C LEU A 959 32.82 -45.07 23.06
N VAL A 960 32.63 -43.78 23.34
CA VAL A 960 33.75 -42.80 23.33
C VAL A 960 34.36 -42.69 24.72
N THR A 961 33.55 -42.79 25.79
CA THR A 961 34.04 -42.80 27.17
C THR A 961 35.11 -43.86 27.43
N GLN A 962 34.95 -45.09 26.92
CA GLN A 962 35.96 -46.15 27.06
C GLN A 962 37.36 -45.76 26.51
N GLN A 963 37.41 -44.83 25.55
CA GLN A 963 38.64 -44.30 24.94
C GLN A 963 39.30 -43.19 25.79
N LEU A 964 38.66 -42.75 26.89
CA LEU A 964 38.54 -41.37 27.37
C LEU A 964 37.67 -40.53 26.42
N MET A 965 36.54 -40.04 26.95
CA MET A 965 35.60 -39.19 26.21
C MET A 965 36.28 -37.92 25.66
N THR A 966 35.93 -37.54 24.42
CA THR A 966 36.50 -36.36 23.75
C THR A 966 36.16 -35.06 24.49
N PHE A 967 37.17 -34.49 25.14
CA PHE A 967 37.15 -33.16 25.76
C PHE A 967 37.26 -32.00 24.76
N GLU A 968 37.17 -32.30 23.46
CA GLU A 968 37.20 -31.36 22.34
C GLU A 968 36.03 -31.63 21.38
N ASN A 969 35.80 -30.72 20.44
CA ASN A 969 34.93 -30.86 19.26
C ASN A 969 33.41 -31.00 19.50
N VAL A 970 32.96 -31.41 20.69
CA VAL A 970 31.53 -31.46 21.05
C VAL A 970 30.88 -30.07 20.94
N LEU A 971 31.57 -29.03 21.44
CA LEU A 971 31.14 -27.62 21.34
C LEU A 971 31.06 -27.15 19.88
N LEU A 972 31.99 -27.62 19.04
CA LEU A 972 32.04 -27.26 17.64
C LEU A 972 30.79 -27.74 16.88
N VAL A 973 30.23 -28.91 17.19
CA VAL A 973 28.96 -29.36 16.60
C VAL A 973 27.81 -28.40 16.94
N PHE A 974 27.66 -28.01 18.21
CA PHE A 974 26.63 -27.01 18.59
C PHE A 974 26.84 -25.68 17.88
N SER A 975 28.08 -25.20 17.74
CA SER A 975 28.35 -23.97 16.99
C SER A 975 28.01 -24.10 15.50
N ALA A 976 28.31 -25.23 14.87
CA ALA A 976 27.94 -25.51 13.47
C ALA A 976 26.41 -25.61 13.29
N ILE A 977 25.68 -26.14 14.28
CA ILE A 977 24.20 -26.10 14.32
C ILE A 977 23.69 -24.65 14.38
N VAL A 978 24.29 -23.79 15.22
CA VAL A 978 23.98 -22.36 15.30
C VAL A 978 24.27 -21.64 13.96
N PHE A 979 25.40 -21.92 13.31
CA PHE A 979 25.71 -21.38 11.97
C PHE A 979 24.77 -21.94 10.89
N GLY A 980 24.27 -23.16 11.05
CA GLY A 980 23.21 -23.74 10.20
C GLY A 980 21.85 -23.03 10.36
N ALA A 981 21.44 -22.74 11.60
CA ALA A 981 20.24 -21.98 11.91
C ALA A 981 20.34 -20.51 11.41
N MET A 982 21.53 -19.91 11.57
CA MET A 982 21.88 -18.58 11.04
C MET A 982 21.80 -18.58 9.51
N ALA A 983 22.37 -19.59 8.84
CA ALA A 983 22.36 -19.76 7.40
C ALA A 983 20.93 -19.80 6.82
N VAL A 984 20.06 -20.64 7.38
CA VAL A 984 18.65 -20.74 6.97
C VAL A 984 17.93 -19.38 7.05
N GLY A 985 18.13 -18.63 8.14
CA GLY A 985 17.58 -17.29 8.34
C GLY A 985 18.18 -16.24 7.40
N GLN A 986 19.50 -16.25 7.19
CA GLN A 986 20.22 -15.33 6.32
C GLN A 986 19.81 -15.50 4.84
N VAL A 987 19.74 -16.75 4.36
CA VAL A 987 19.38 -17.06 2.97
C VAL A 987 17.88 -16.78 2.71
N SER A 988 16.97 -17.15 3.62
CA SER A 988 15.54 -16.93 3.45
C SER A 988 15.13 -15.45 3.59
N SER A 989 15.87 -14.64 4.36
CA SER A 989 15.72 -13.18 4.43
C SER A 989 15.98 -12.49 3.09
N PHE A 990 17.00 -12.92 2.34
CA PHE A 990 17.32 -12.34 1.03
C PHE A 990 16.53 -12.91 -0.16
N ALA A 991 15.63 -13.89 0.03
CA ALA A 991 14.79 -14.43 -1.03
C ALA A 991 13.91 -13.36 -1.75
N PRO A 992 13.14 -12.49 -1.06
CA PRO A 992 12.43 -11.39 -1.72
C PRO A 992 13.37 -10.39 -2.39
N ASP A 993 14.58 -10.21 -1.87
CA ASP A 993 15.65 -9.39 -2.47
C ASP A 993 16.44 -10.10 -3.59
N TYR A 994 16.03 -11.30 -3.99
CA TYR A 994 16.19 -11.76 -5.37
C TYR A 994 15.01 -11.25 -6.24
N ALA A 995 13.78 -11.63 -5.88
CA ALA A 995 12.58 -11.43 -6.70
C ALA A 995 12.33 -9.96 -7.09
N LYS A 996 12.36 -9.03 -6.11
CA LYS A 996 12.21 -7.59 -6.35
C LYS A 996 13.27 -7.05 -7.31
N ALA A 997 14.53 -7.46 -7.12
CA ALA A 997 15.65 -7.02 -7.95
C ALA A 997 15.55 -7.54 -9.40
N THR A 998 14.96 -8.73 -9.62
CA THR A 998 14.65 -9.23 -10.98
C THR A 998 13.47 -8.52 -11.64
N VAL A 999 12.50 -7.97 -10.88
CA VAL A 999 11.46 -7.06 -11.42
C VAL A 999 12.06 -5.70 -11.78
N SER A 1000 12.84 -5.08 -10.89
CA SER A 1000 13.61 -3.86 -11.18
C SER A 1000 14.50 -4.01 -12.41
N ALA A 1001 15.06 -5.19 -12.64
CA ALA A 1001 15.83 -5.48 -13.85
C ALA A 1001 14.98 -5.43 -15.14
N SER A 1002 13.71 -5.87 -15.11
CA SER A 1002 12.81 -5.76 -16.26
C SER A 1002 12.48 -4.29 -16.59
N HIS A 1003 12.21 -3.46 -15.58
CA HIS A 1003 12.06 -2.01 -15.73
C HIS A 1003 13.31 -1.36 -16.34
N ILE A 1004 14.49 -1.65 -15.78
CA ILE A 1004 15.78 -1.16 -16.30
C ILE A 1004 16.01 -1.61 -17.76
N ILE A 1005 15.67 -2.85 -18.11
CA ILE A 1005 15.83 -3.39 -19.47
C ILE A 1005 14.97 -2.63 -20.49
N ARG A 1006 13.68 -2.39 -20.20
CA ARG A 1006 12.81 -1.59 -21.09
C ARG A 1006 13.44 -0.25 -21.42
N ILE A 1007 13.93 0.48 -20.42
CA ILE A 1007 14.39 1.86 -20.63
C ILE A 1007 15.80 1.97 -21.22
N ILE A 1008 16.72 1.01 -20.99
CA ILE A 1008 18.02 1.01 -21.68
C ILE A 1008 17.95 0.57 -23.16
N GLU A 1009 16.92 -0.18 -23.55
CA GLU A 1009 16.68 -0.53 -24.97
C GLU A 1009 15.90 0.55 -25.75
N LYS A 1010 15.35 1.55 -25.04
CA LYS A 1010 14.92 2.88 -25.55
C LYS A 1010 13.76 2.83 -26.57
N THR A 1011 13.43 3.99 -27.14
CA THR A 1011 12.62 4.12 -28.37
C THR A 1011 13.48 4.80 -29.44
N PRO A 1012 13.56 4.29 -30.68
CA PRO A 1012 14.48 4.80 -31.71
C PRO A 1012 13.93 5.99 -32.53
N GLU A 1013 13.08 6.85 -31.95
CA GLU A 1013 12.37 7.94 -32.67
C GLU A 1013 13.02 9.34 -32.56
N ILE A 1014 13.81 9.59 -31.51
CA ILE A 1014 14.46 10.91 -31.29
C ILE A 1014 15.99 10.81 -31.13
N ASP A 1015 16.65 10.19 -32.11
CA ASP A 1015 18.11 9.99 -32.18
C ASP A 1015 18.81 10.79 -33.31
N SER A 1016 20.14 10.66 -33.35
CA SER A 1016 21.03 11.41 -34.23
C SER A 1016 21.14 10.79 -35.65
N TYR A 1017 20.04 10.79 -36.41
CA TYR A 1017 20.00 10.29 -37.80
C TYR A 1017 20.92 11.08 -38.76
N SER A 1018 21.20 10.51 -39.95
CA SER A 1018 22.05 11.15 -40.96
C SER A 1018 21.76 10.74 -42.41
N THR A 1019 20.60 10.12 -42.72
CA THR A 1019 20.26 9.74 -44.12
C THR A 1019 19.86 10.95 -44.97
N GLN A 1020 19.34 12.02 -44.35
CA GLN A 1020 18.99 13.27 -45.00
C GLN A 1020 20.12 14.30 -44.80
N GLY A 1021 20.65 14.86 -45.89
CA GLY A 1021 21.92 15.61 -45.92
C GLY A 1021 21.99 16.99 -45.27
N LEU A 1022 21.20 17.28 -44.23
CA LEU A 1022 21.39 18.38 -43.26
C LEU A 1022 21.61 19.81 -43.86
N LYS A 1023 21.13 20.07 -45.08
CA LYS A 1023 21.63 21.15 -45.94
C LYS A 1023 21.37 22.57 -45.38
N PRO A 1024 22.35 23.50 -45.46
CA PRO A 1024 22.21 24.86 -44.93
C PRO A 1024 21.29 25.77 -45.77
N ASN A 1025 20.98 25.41 -47.02
CA ASN A 1025 20.23 26.25 -47.97
C ASN A 1025 18.73 26.41 -47.62
N MET A 1026 18.26 25.67 -46.60
CA MET A 1026 16.85 25.52 -46.21
C MET A 1026 16.75 25.33 -44.69
N LEU A 1027 17.17 26.34 -43.91
CA LEU A 1027 16.91 26.34 -42.46
C LEU A 1027 15.46 26.75 -42.15
N GLU A 1028 14.94 27.66 -42.96
CA GLU A 1028 13.56 28.14 -43.04
C GLU A 1028 12.69 27.19 -43.89
N GLY A 1029 13.28 26.63 -44.96
CA GLY A 1029 12.73 25.56 -45.77
C GLY A 1029 11.52 25.94 -46.62
N ASN A 1030 10.96 24.94 -47.30
CA ASN A 1030 9.62 25.00 -47.89
C ASN A 1030 8.92 23.73 -47.44
N VAL A 1031 8.27 23.79 -46.27
CA VAL A 1031 7.87 22.59 -45.52
C VAL A 1031 6.65 21.95 -46.17
N GLN A 1032 6.86 20.82 -46.84
CA GLN A 1032 5.81 20.05 -47.53
C GLN A 1032 5.13 19.10 -46.55
N PHE A 1033 3.80 19.02 -46.58
CA PHE A 1033 2.99 18.01 -45.91
C PHE A 1033 2.20 17.23 -46.98
N SER A 1034 2.14 15.90 -46.90
CA SER A 1034 1.35 15.11 -47.89
C SER A 1034 0.78 13.81 -47.33
N GLY A 1035 -0.49 13.54 -47.66
CA GLY A 1035 -1.25 12.34 -47.28
C GLY A 1035 -1.46 12.17 -45.76
N VAL A 1036 -1.25 13.22 -44.97
CA VAL A 1036 -0.98 13.12 -43.54
C VAL A 1036 -2.21 12.66 -42.75
N VAL A 1037 -2.06 11.59 -41.96
CA VAL A 1037 -3.02 11.19 -40.91
C VAL A 1037 -2.31 11.06 -39.56
N PHE A 1038 -2.96 11.48 -38.49
CA PHE A 1038 -2.36 11.55 -37.15
C PHE A 1038 -3.40 11.29 -36.06
N ASN A 1039 -2.95 10.58 -35.02
CA ASN A 1039 -3.66 10.28 -33.78
C ASN A 1039 -2.67 10.58 -32.63
N TYR A 1040 -3.14 11.25 -31.57
CA TYR A 1040 -2.32 11.77 -30.47
C TYR A 1040 -1.55 10.67 -29.70
N PRO A 1041 -0.50 11.04 -28.92
CA PRO A 1041 0.13 10.12 -27.98
C PRO A 1041 -0.87 9.48 -27.00
N THR A 1042 -1.96 10.15 -26.62
CA THR A 1042 -3.13 9.44 -26.07
C THR A 1042 -3.81 8.60 -27.16
N ARG A 1043 -3.32 7.36 -27.32
CA ARG A 1043 -3.60 6.47 -28.46
C ARG A 1043 -5.09 6.16 -28.76
N PRO A 1044 -6.06 6.15 -27.83
CA PRO A 1044 -7.47 5.99 -28.20
C PRO A 1044 -8.09 7.23 -28.86
N SER A 1045 -7.41 8.38 -28.91
CA SER A 1045 -7.98 9.71 -29.27
C SER A 1045 -8.31 9.93 -30.77
N ILE A 1046 -8.49 8.85 -31.55
CA ILE A 1046 -8.91 8.83 -32.96
C ILE A 1046 -7.87 9.41 -33.95
N PRO A 1047 -7.74 8.86 -35.18
CA PRO A 1047 -7.10 9.56 -36.30
C PRO A 1047 -7.87 10.83 -36.68
N VAL A 1048 -7.62 11.94 -35.99
CA VAL A 1048 -8.31 13.23 -36.12
C VAL A 1048 -7.84 14.06 -37.33
N LEU A 1049 -6.57 13.92 -37.71
CA LEU A 1049 -6.01 14.42 -38.97
C LEU A 1049 -6.12 13.32 -40.03
N GLN A 1050 -6.58 13.65 -41.24
CA GLN A 1050 -7.13 12.66 -42.18
C GLN A 1050 -6.91 13.03 -43.66
N GLY A 1051 -5.69 12.83 -44.16
CA GLY A 1051 -5.34 12.96 -45.58
C GLY A 1051 -4.84 14.34 -46.00
N LEU A 1052 -4.38 15.15 -45.05
CA LEU A 1052 -3.99 16.54 -45.32
C LEU A 1052 -2.74 16.64 -46.22
N SER A 1053 -2.73 17.65 -47.09
CA SER A 1053 -1.53 18.15 -47.74
C SER A 1053 -1.53 19.69 -47.74
N LEU A 1054 -0.36 20.28 -47.50
CA LEU A 1054 -0.12 21.72 -47.35
C LEU A 1054 1.36 22.02 -47.65
N GLU A 1055 1.68 23.31 -47.81
CA GLU A 1055 3.04 23.82 -47.88
C GLU A 1055 3.14 25.16 -47.12
N VAL A 1056 4.33 25.48 -46.58
CA VAL A 1056 4.69 26.84 -46.12
C VAL A 1056 6.09 27.19 -46.61
N LYS A 1057 6.23 28.34 -47.29
CA LYS A 1057 7.45 28.81 -47.96
C LYS A 1057 8.46 29.44 -46.99
N LYS A 1058 9.70 29.61 -47.46
CA LYS A 1058 10.79 30.32 -46.74
C LYS A 1058 10.32 31.68 -46.22
N GLY A 1059 10.14 31.81 -44.90
CA GLY A 1059 9.78 33.07 -44.24
C GLY A 1059 8.28 33.39 -44.12
N GLN A 1060 7.41 32.54 -44.66
CA GLN A 1060 5.95 32.73 -44.72
C GLN A 1060 5.26 32.37 -43.38
N THR A 1061 4.14 33.03 -43.04
CA THR A 1061 3.21 32.54 -41.99
C THR A 1061 2.24 31.50 -42.56
N LEU A 1062 1.96 30.45 -41.78
CA LEU A 1062 0.86 29.52 -41.99
C LEU A 1062 0.02 29.44 -40.71
N ALA A 1063 -1.02 30.27 -40.64
CA ALA A 1063 -1.99 30.24 -39.56
C ALA A 1063 -3.03 29.12 -39.76
N LEU A 1064 -3.32 28.36 -38.71
CA LEU A 1064 -4.20 27.19 -38.78
C LEU A 1064 -5.39 27.33 -37.82
N VAL A 1065 -6.59 27.06 -38.33
CA VAL A 1065 -7.85 26.96 -37.56
C VAL A 1065 -8.59 25.69 -37.97
N GLY A 1066 -9.48 25.14 -37.13
CA GLY A 1066 -10.20 23.91 -37.48
C GLY A 1066 -11.22 23.45 -36.46
N SER A 1067 -12.25 22.74 -36.94
CA SER A 1067 -13.55 22.40 -36.31
C SER A 1067 -13.57 21.87 -34.88
N SER A 1068 -12.45 21.44 -34.30
CA SER A 1068 -12.37 20.94 -32.92
C SER A 1068 -10.97 21.14 -32.29
N GLY A 1069 -10.20 22.11 -32.78
CA GLY A 1069 -8.83 22.41 -32.31
C GLY A 1069 -7.76 21.36 -32.66
N CYS A 1070 -8.15 20.10 -32.86
CA CYS A 1070 -7.26 19.02 -33.29
C CYS A 1070 -6.70 19.22 -34.72
N GLY A 1071 -7.53 19.75 -35.64
CA GLY A 1071 -7.12 20.02 -37.02
C GLY A 1071 -5.96 21.01 -37.16
N LYS A 1072 -5.77 21.92 -36.18
CA LYS A 1072 -4.64 22.86 -36.13
C LYS A 1072 -3.48 22.32 -35.29
N SER A 1073 -3.72 21.89 -34.06
CA SER A 1073 -2.68 21.50 -33.09
C SER A 1073 -1.84 20.30 -33.51
N THR A 1074 -2.46 19.27 -34.12
CA THR A 1074 -1.74 18.07 -34.57
C THR A 1074 -0.65 18.39 -35.61
N VAL A 1075 -0.83 19.40 -36.47
CA VAL A 1075 0.15 19.79 -37.50
C VAL A 1075 1.44 20.35 -36.90
N VAL A 1076 1.34 21.11 -35.79
CA VAL A 1076 2.52 21.54 -35.00
C VAL A 1076 3.15 20.34 -34.29
N GLN A 1077 2.34 19.54 -33.61
CA GLN A 1077 2.82 18.51 -32.69
C GLN A 1077 3.39 17.25 -33.40
N LEU A 1078 3.04 17.01 -34.66
CA LEU A 1078 3.75 16.06 -35.54
C LEU A 1078 5.07 16.63 -36.09
N LEU A 1079 5.15 17.93 -36.38
CA LEU A 1079 6.39 18.58 -36.84
C LEU A 1079 7.43 18.69 -35.71
N GLU A 1080 6.96 18.80 -34.47
CA GLU A 1080 7.74 18.57 -33.24
C GLU A 1080 8.30 17.14 -33.10
N ARG A 1081 7.82 16.17 -33.89
CA ARG A 1081 8.00 14.71 -33.72
C ARG A 1081 7.51 14.17 -32.37
N PHE A 1082 6.62 14.88 -31.69
CA PHE A 1082 6.00 14.40 -30.45
C PHE A 1082 4.96 13.28 -30.69
N TYR A 1083 4.57 13.07 -31.95
CA TYR A 1083 4.25 11.74 -32.47
C TYR A 1083 4.46 11.66 -34.00
N ASP A 1084 4.70 10.47 -34.52
CA ASP A 1084 4.79 10.22 -35.97
C ASP A 1084 3.39 10.20 -36.64
N PRO A 1085 3.20 10.75 -37.85
CA PRO A 1085 2.00 10.51 -38.66
C PRO A 1085 1.87 9.04 -39.11
N MET A 1086 0.79 8.37 -38.69
CA MET A 1086 0.47 6.96 -39.01
C MET A 1086 0.36 6.67 -40.51
N ALA A 1087 0.13 7.69 -41.35
CA ALA A 1087 0.22 7.64 -42.79
C ALA A 1087 0.52 9.04 -43.34
N GLY A 1088 1.03 9.11 -44.56
CA GLY A 1088 1.62 10.34 -45.10
C GLY A 1088 2.95 10.71 -44.41
N SER A 1089 3.51 11.86 -44.79
CA SER A 1089 4.77 12.36 -44.22
C SER A 1089 4.94 13.87 -44.43
N VAL A 1090 6.04 14.40 -43.90
CA VAL A 1090 6.38 15.82 -43.86
C VAL A 1090 7.87 16.02 -44.17
N PHE A 1091 8.21 17.07 -44.92
CA PHE A 1091 9.50 17.22 -45.60
C PHE A 1091 10.00 18.68 -45.52
N LEU A 1092 11.32 18.86 -45.39
CA LEU A 1092 11.98 20.18 -45.33
C LEU A 1092 11.98 20.90 -46.70
N ASP A 1093 12.11 20.10 -47.76
CA ASP A 1093 11.60 20.36 -49.10
C ASP A 1093 11.48 19.01 -49.84
N GLY A 1094 12.56 18.52 -50.46
CA GLY A 1094 12.65 17.20 -51.10
C GLY A 1094 13.29 16.12 -50.22
N LYS A 1095 13.36 16.32 -48.89
CA LYS A 1095 14.01 15.44 -47.90
C LYS A 1095 13.22 15.41 -46.59
N GLU A 1096 13.13 14.24 -45.98
CA GLU A 1096 12.06 13.86 -45.06
C GLU A 1096 12.35 14.18 -43.58
N ILE A 1097 11.40 14.81 -42.87
CA ILE A 1097 11.56 15.19 -41.46
C ILE A 1097 11.47 13.99 -40.50
N LYS A 1098 10.79 12.89 -40.89
CA LYS A 1098 10.90 11.57 -40.22
C LYS A 1098 12.33 10.99 -40.24
N GLN A 1099 13.19 11.44 -41.16
CA GLN A 1099 14.56 10.93 -41.32
C GLN A 1099 15.66 11.98 -41.08
N LEU A 1100 15.35 13.28 -41.02
CA LEU A 1100 16.28 14.30 -40.59
C LEU A 1100 16.66 14.09 -39.12
N ASN A 1101 17.92 14.38 -38.81
CA ASN A 1101 18.46 14.34 -37.45
C ASN A 1101 17.58 15.18 -36.51
N VAL A 1102 17.04 14.59 -35.44
CA VAL A 1102 16.08 15.31 -34.59
C VAL A 1102 16.70 16.55 -33.94
N GLN A 1103 18.01 16.54 -33.68
CA GLN A 1103 18.73 17.66 -33.09
C GLN A 1103 19.09 18.75 -34.12
N TRP A 1104 19.24 18.40 -35.41
CA TRP A 1104 19.29 19.40 -36.50
C TRP A 1104 17.91 20.05 -36.69
N LEU A 1105 16.83 19.25 -36.69
CA LEU A 1105 15.45 19.74 -36.76
C LEU A 1105 15.17 20.71 -35.60
N ARG A 1106 15.47 20.28 -34.37
CA ARG A 1106 15.38 21.08 -33.13
C ARG A 1106 16.41 22.21 -33.02
N ALA A 1107 17.35 22.35 -33.96
CA ALA A 1107 18.16 23.56 -34.08
C ALA A 1107 17.46 24.66 -34.89
N GLN A 1108 16.66 24.31 -35.90
CA GLN A 1108 15.97 25.30 -36.75
C GLN A 1108 14.56 25.65 -36.21
N LEU A 1109 13.84 24.66 -35.67
CA LEU A 1109 12.56 24.86 -34.99
C LEU A 1109 12.73 25.69 -33.70
N GLY A 1110 12.02 26.81 -33.59
CA GLY A 1110 11.60 27.39 -32.31
C GLY A 1110 10.21 26.89 -31.92
N ILE A 1111 9.95 26.72 -30.62
CA ILE A 1111 8.65 26.31 -30.08
C ILE A 1111 8.29 27.18 -28.87
N VAL A 1112 7.08 27.73 -28.89
CA VAL A 1112 6.51 28.49 -27.77
C VAL A 1112 5.79 27.52 -26.83
N SER A 1113 6.15 27.53 -25.55
CA SER A 1113 5.46 26.74 -24.51
C SER A 1113 4.34 27.53 -23.83
N GLN A 1114 3.28 26.83 -23.44
CA GLN A 1114 2.25 27.36 -22.52
C GLN A 1114 2.81 27.62 -21.11
N GLU A 1115 3.82 26.87 -20.68
CA GLU A 1115 4.52 27.02 -19.39
C GLU A 1115 6.05 27.00 -19.63
N PRO A 1116 6.79 28.07 -19.25
CA PRO A 1116 8.24 28.02 -19.22
C PRO A 1116 8.75 27.06 -18.11
N ILE A 1117 9.53 26.04 -18.49
CA ILE A 1117 10.31 25.24 -17.53
C ILE A 1117 11.27 26.13 -16.72
N LEU A 1118 11.25 26.06 -15.40
CA LEU A 1118 11.88 27.05 -14.52
C LEU A 1118 12.42 26.42 -13.23
N PHE A 1119 13.75 26.37 -13.15
CA PHE A 1119 14.49 26.46 -11.90
C PHE A 1119 15.04 27.89 -11.74
N ASP A 1120 15.44 28.31 -10.53
CA ASP A 1120 16.07 29.61 -10.31
C ASP A 1120 17.52 29.68 -10.86
N CYS A 1121 17.60 29.76 -12.18
CA CYS A 1121 18.74 30.24 -12.93
C CYS A 1121 18.70 31.78 -13.04
N SER A 1122 19.71 32.40 -13.66
CA SER A 1122 19.62 33.81 -14.10
C SER A 1122 18.49 34.00 -15.14
N ILE A 1123 17.99 35.23 -15.34
CA ILE A 1123 17.09 35.56 -16.46
C ILE A 1123 17.69 35.16 -17.82
N ALA A 1124 19.00 35.32 -18.03
CA ALA A 1124 19.67 34.92 -19.28
C ALA A 1124 19.46 33.42 -19.58
N GLU A 1125 19.71 32.54 -18.60
CA GLU A 1125 19.45 31.10 -18.71
C GLU A 1125 17.94 30.77 -18.73
N ASN A 1126 17.13 31.52 -17.98
CA ASN A 1126 15.68 31.36 -17.95
C ASN A 1126 14.98 31.88 -19.23
N ILE A 1127 15.72 32.52 -20.15
CA ILE A 1127 15.41 32.53 -21.58
C ILE A 1127 16.10 31.33 -22.26
N ALA A 1128 17.43 31.29 -22.26
CA ALA A 1128 18.24 30.30 -22.97
C ALA A 1128 18.56 29.04 -22.13
N TYR A 1129 17.60 28.12 -22.00
CA TYR A 1129 17.86 26.74 -21.53
C TYR A 1129 18.60 25.91 -22.60
N GLY A 1130 19.81 26.35 -22.96
CA GLY A 1130 20.67 25.76 -23.97
C GLY A 1130 20.22 26.00 -25.41
N ASP A 1131 21.14 25.66 -26.33
CA ASP A 1131 21.06 25.87 -27.76
C ASP A 1131 21.58 24.64 -28.53
N ASN A 1132 20.85 24.19 -29.56
CA ASN A 1132 21.15 22.96 -30.31
C ASN A 1132 22.24 23.08 -31.39
N SER A 1133 22.49 24.26 -31.97
CA SER A 1133 23.56 24.46 -32.98
C SER A 1133 24.12 25.88 -33.03
N ARG A 1134 23.95 26.66 -31.97
CA ARG A 1134 24.32 28.07 -31.89
C ARG A 1134 25.38 28.27 -30.79
N VAL A 1135 25.69 29.53 -30.48
CA VAL A 1135 26.30 29.94 -29.21
C VAL A 1135 25.50 31.13 -28.67
N VAL A 1136 24.96 31.03 -27.46
CA VAL A 1136 24.28 32.15 -26.78
C VAL A 1136 25.26 33.31 -26.56
N SER A 1137 24.84 34.52 -26.94
CA SER A 1137 25.61 35.77 -26.78
C SER A 1137 24.70 36.93 -26.40
N TYR A 1138 25.29 38.08 -26.05
CA TYR A 1138 24.57 39.31 -25.65
C TYR A 1138 23.51 39.73 -26.68
N GLU A 1139 23.82 39.61 -27.96
CA GLU A 1139 22.98 40.03 -29.09
C GLU A 1139 21.69 39.19 -29.15
N GLU A 1140 21.79 37.87 -28.95
CA GLU A 1140 20.62 36.97 -28.94
C GLU A 1140 19.72 37.19 -27.73
N ILE A 1141 20.28 37.42 -26.53
CA ILE A 1141 19.47 37.75 -25.35
C ILE A 1141 18.90 39.18 -25.41
N VAL A 1142 19.55 40.10 -26.13
CA VAL A 1142 18.98 41.41 -26.50
C VAL A 1142 17.78 41.22 -27.45
N ARG A 1143 17.94 40.53 -28.59
CA ARG A 1143 16.83 40.26 -29.51
C ARG A 1143 15.66 39.56 -28.81
N ALA A 1144 15.94 38.45 -28.11
CA ALA A 1144 14.93 37.66 -27.43
C ALA A 1144 14.16 38.46 -26.38
N ALA A 1145 14.81 39.35 -25.64
CA ALA A 1145 14.14 40.24 -24.70
C ALA A 1145 13.30 41.33 -25.39
N LYS A 1146 13.83 41.96 -26.45
CA LYS A 1146 13.20 43.11 -27.12
C LYS A 1146 12.07 42.70 -28.08
N GLU A 1147 12.26 41.70 -28.94
CA GLU A 1147 11.23 41.22 -29.88
C GLU A 1147 10.02 40.61 -29.15
N ALA A 1148 10.25 39.85 -28.07
CA ALA A 1148 9.20 39.23 -27.28
C ALA A 1148 8.48 40.19 -26.30
N ASN A 1149 8.84 41.48 -26.30
CA ASN A 1149 8.41 42.53 -25.36
C ASN A 1149 8.73 42.27 -23.87
N ILE A 1150 9.24 41.11 -23.47
CA ILE A 1150 9.60 40.77 -22.08
C ILE A 1150 10.66 41.69 -21.46
N HIS A 1151 11.40 42.47 -22.25
CA HIS A 1151 12.27 43.54 -21.75
C HIS A 1151 11.57 44.56 -20.84
N GLN A 1152 10.24 44.69 -20.90
CA GLN A 1152 9.42 45.38 -19.89
C GLN A 1152 9.78 44.99 -18.44
N PHE A 1153 10.09 43.70 -18.23
CA PHE A 1153 10.48 43.11 -16.95
C PHE A 1153 12.00 43.17 -16.74
N ILE A 1154 12.78 42.82 -17.78
CA ILE A 1154 14.24 42.62 -17.69
C ILE A 1154 15.01 43.94 -17.59
N ASP A 1155 14.65 44.97 -18.36
CA ASP A 1155 15.27 46.30 -18.25
C ASP A 1155 14.86 47.03 -16.96
N SER A 1156 13.76 46.61 -16.31
CA SER A 1156 13.24 47.21 -15.07
C SER A 1156 13.98 46.75 -13.81
N LEU A 1157 14.02 45.43 -13.55
CA LEU A 1157 14.48 44.82 -12.29
C LEU A 1157 15.94 45.16 -11.88
N PRO A 1158 16.34 44.89 -10.63
CA PRO A 1158 17.75 44.71 -10.25
C PRO A 1158 18.45 43.70 -11.16
N ASP A 1159 19.78 43.76 -11.26
CA ASP A 1159 20.68 42.81 -11.94
C ASP A 1159 20.45 42.53 -13.44
N LYS A 1160 19.32 42.99 -14.00
CA LYS A 1160 18.86 42.80 -15.39
C LYS A 1160 18.87 41.31 -15.77
N TYR A 1161 19.62 40.92 -16.79
CA TYR A 1161 19.73 39.52 -17.23
C TYR A 1161 20.26 38.53 -16.17
N ASN A 1162 20.90 39.00 -15.10
CA ASN A 1162 21.42 38.14 -14.04
C ASN A 1162 20.35 37.72 -13.00
N THR A 1163 19.25 38.48 -12.90
CA THR A 1163 18.32 38.42 -11.75
C THR A 1163 17.42 37.17 -11.74
N ARG A 1164 16.61 37.04 -10.69
CA ARG A 1164 16.00 35.78 -10.21
C ARG A 1164 14.48 35.79 -10.15
N VAL A 1165 13.91 34.57 -10.17
CA VAL A 1165 12.46 34.33 -10.29
C VAL A 1165 11.96 33.17 -9.42
N GLY A 1166 12.85 32.36 -8.82
CA GLY A 1166 12.48 31.14 -8.10
C GLY A 1166 12.10 29.98 -9.04
N ASP A 1167 12.22 28.75 -8.56
CA ASP A 1167 11.66 27.59 -9.26
C ASP A 1167 10.16 27.81 -9.54
N LYS A 1168 9.71 27.43 -10.74
CA LYS A 1168 8.37 27.68 -11.32
C LYS A 1168 7.97 29.15 -11.53
N GLY A 1169 8.73 30.13 -11.03
CA GLY A 1169 8.56 31.57 -11.32
C GLY A 1169 7.56 32.29 -10.42
N THR A 1170 7.99 32.65 -9.21
CA THR A 1170 7.14 33.18 -8.12
C THR A 1170 6.42 34.50 -8.45
N GLN A 1171 7.03 35.37 -9.26
CA GLN A 1171 6.47 36.67 -9.66
C GLN A 1171 6.06 36.73 -11.14
N LEU A 1172 5.83 35.57 -11.79
CA LEU A 1172 5.57 35.47 -13.22
C LEU A 1172 4.10 35.08 -13.54
N SER A 1173 3.26 36.09 -13.78
CA SER A 1173 1.90 35.94 -14.31
C SER A 1173 1.90 35.42 -15.77
N GLY A 1174 0.74 34.98 -16.26
CA GLY A 1174 0.55 34.39 -17.60
C GLY A 1174 1.15 35.24 -18.73
N GLY A 1175 0.85 36.54 -18.77
CA GLY A 1175 1.41 37.47 -19.76
C GLY A 1175 2.95 37.49 -19.77
N GLN A 1176 3.58 37.54 -18.60
CA GLN A 1176 5.04 37.42 -18.48
C GLN A 1176 5.53 36.04 -18.95
N LYS A 1177 4.87 34.96 -18.53
CA LYS A 1177 5.24 33.58 -18.89
C LYS A 1177 5.17 33.32 -20.40
N GLN A 1178 4.12 33.77 -21.10
CA GLN A 1178 4.06 33.60 -22.55
C GLN A 1178 5.11 34.49 -23.27
N ARG A 1179 5.36 35.72 -22.80
CA ARG A 1179 6.42 36.58 -23.36
C ARG A 1179 7.83 35.99 -23.11
N ILE A 1180 8.07 35.32 -21.98
CA ILE A 1180 9.29 34.50 -21.76
C ILE A 1180 9.34 33.32 -22.73
N ALA A 1181 8.24 32.61 -22.95
CA ALA A 1181 8.19 31.47 -23.87
C ALA A 1181 8.49 31.85 -25.33
N ILE A 1182 8.02 33.01 -25.79
CA ILE A 1182 8.39 33.60 -27.08
C ILE A 1182 9.91 33.87 -27.13
N ALA A 1183 10.47 34.51 -26.09
CA ALA A 1183 11.91 34.77 -26.01
C ALA A 1183 12.75 33.49 -26.11
N ARG A 1184 12.32 32.38 -25.47
CA ARG A 1184 13.02 31.07 -25.54
C ARG A 1184 13.11 30.49 -26.94
N ALA A 1185 12.10 30.72 -27.77
CA ALA A 1185 12.18 30.34 -29.18
C ALA A 1185 13.17 31.24 -29.93
N LEU A 1186 13.05 32.56 -29.76
CA LEU A 1186 13.79 33.60 -30.48
C LEU A 1186 15.30 33.63 -30.19
N VAL A 1187 15.75 33.27 -28.98
CA VAL A 1187 17.16 33.34 -28.50
C VAL A 1187 18.17 32.39 -29.20
N ARG A 1188 17.74 31.71 -30.26
CA ARG A 1188 18.58 30.83 -31.10
C ARG A 1188 18.44 31.15 -32.59
N GLN A 1189 17.90 32.32 -32.94
CA GLN A 1189 17.28 32.69 -34.21
C GLN A 1189 16.54 31.53 -34.93
N PRO A 1190 15.24 31.30 -34.63
CA PRO A 1190 14.46 30.21 -35.18
C PRO A 1190 14.03 30.52 -36.63
N HIS A 1191 14.66 29.87 -37.60
CA HIS A 1191 14.30 29.98 -39.03
C HIS A 1191 12.93 29.37 -39.34
N ILE A 1192 12.50 28.38 -38.56
CA ILE A 1192 11.12 27.88 -38.52
C ILE A 1192 10.59 28.09 -37.08
N LEU A 1193 9.37 28.58 -36.92
CA LEU A 1193 8.79 28.90 -35.61
C LEU A 1193 7.39 28.27 -35.44
N LEU A 1194 7.12 27.75 -34.24
CA LEU A 1194 5.88 27.07 -33.88
C LEU A 1194 5.24 27.75 -32.65
N LEU A 1195 4.05 28.31 -32.83
CA LEU A 1195 3.22 28.89 -31.77
C LEU A 1195 2.12 27.90 -31.38
N ASP A 1196 2.35 27.08 -30.34
CA ASP A 1196 1.35 26.20 -29.71
C ASP A 1196 0.37 27.03 -28.86
N GLU A 1197 -0.88 27.14 -29.34
CA GLU A 1197 -2.09 27.73 -28.72
C GLU A 1197 -2.03 29.24 -28.34
N ALA A 1198 -2.70 30.06 -29.16
CA ALA A 1198 -2.62 31.53 -29.14
C ALA A 1198 -3.32 32.27 -27.96
N THR A 1199 -3.70 31.57 -26.89
CA THR A 1199 -3.91 32.11 -25.53
C THR A 1199 -3.97 30.94 -24.54
N SER A 1200 -3.40 31.11 -23.34
CA SER A 1200 -3.42 30.11 -22.27
C SER A 1200 -4.67 30.27 -21.39
N ALA A 1201 -4.72 31.37 -20.63
CA ALA A 1201 -5.85 31.82 -19.82
C ALA A 1201 -5.86 33.37 -19.75
N LEU A 1202 -5.47 34.00 -20.86
CA LEU A 1202 -5.13 35.42 -20.93
C LEU A 1202 -6.35 36.29 -21.24
N ASP A 1203 -6.42 37.48 -20.63
CA ASP A 1203 -7.24 38.60 -21.09
C ASP A 1203 -6.58 39.96 -20.80
N THR A 1204 -7.18 41.06 -21.26
CA THR A 1204 -6.70 42.45 -21.10
C THR A 1204 -5.22 42.62 -21.52
N GLU A 1205 -4.37 43.31 -20.75
CA GLU A 1205 -2.91 43.41 -20.98
C GLU A 1205 -2.29 42.05 -21.29
N SER A 1206 -2.60 41.06 -20.43
CA SER A 1206 -1.97 39.75 -20.47
C SER A 1206 -2.26 38.99 -21.76
N GLU A 1207 -3.30 39.38 -22.52
CA GLU A 1207 -3.62 38.88 -23.85
C GLU A 1207 -3.09 39.80 -24.95
N LYS A 1208 -3.46 41.08 -24.93
CA LYS A 1208 -3.15 42.00 -26.04
C LYS A 1208 -1.67 42.33 -26.16
N VAL A 1209 -0.95 42.45 -25.04
CA VAL A 1209 0.52 42.62 -25.02
C VAL A 1209 1.24 41.29 -25.29
N VAL A 1210 0.57 40.14 -25.15
CA VAL A 1210 1.05 38.87 -25.71
C VAL A 1210 0.86 38.83 -27.23
N GLN A 1211 -0.28 39.25 -27.79
CA GLN A 1211 -0.44 39.36 -29.25
C GLN A 1211 0.56 40.35 -29.87
N GLU A 1212 0.85 41.46 -29.16
CA GLU A 1212 1.90 42.42 -29.49
C GLU A 1212 3.31 41.80 -29.53
N ALA A 1213 3.51 40.62 -28.93
CA ALA A 1213 4.72 39.79 -29.08
C ALA A 1213 4.55 38.66 -30.12
N LEU A 1214 3.35 38.08 -30.29
CA LEU A 1214 3.10 37.03 -31.30
C LEU A 1214 3.34 37.54 -32.73
N ASP A 1215 2.81 38.72 -33.07
CA ASP A 1215 3.05 39.36 -34.37
C ASP A 1215 4.53 39.68 -34.62
N LYS A 1216 5.27 40.11 -33.58
CA LYS A 1216 6.71 40.39 -33.67
C LYS A 1216 7.58 39.13 -33.76
N ALA A 1217 7.08 37.98 -33.30
CA ALA A 1217 7.80 36.72 -33.33
C ALA A 1217 7.65 35.97 -34.68
N ARG A 1218 6.49 36.09 -35.35
CA ARG A 1218 6.27 35.56 -36.71
C ARG A 1218 6.89 36.48 -37.79
N GLU A 1219 6.57 36.20 -39.05
CA GLU A 1219 6.93 36.98 -40.25
C GLU A 1219 8.44 37.03 -40.55
N GLY A 1220 8.80 36.97 -41.84
CA GLY A 1220 10.20 36.86 -42.31
C GLY A 1220 10.90 35.53 -41.96
N ARG A 1221 10.28 34.70 -41.12
CA ARG A 1221 10.74 33.38 -40.65
C ARG A 1221 9.54 32.41 -40.67
N THR A 1222 9.76 31.18 -41.12
CA THR A 1222 8.69 30.24 -41.51
C THR A 1222 7.83 29.86 -40.30
N CYS A 1223 6.66 30.46 -40.11
CA CYS A 1223 5.96 30.46 -38.83
C CYS A 1223 4.58 29.77 -38.89
N ILE A 1224 4.40 28.68 -38.14
CA ILE A 1224 3.09 28.02 -37.99
C ILE A 1224 2.46 28.44 -36.66
N VAL A 1225 1.21 28.90 -36.70
CA VAL A 1225 0.47 29.40 -35.52
C VAL A 1225 -0.95 28.85 -35.48
N ILE A 1226 -1.32 28.21 -34.37
CA ILE A 1226 -2.63 27.54 -34.23
C ILE A 1226 -3.64 28.46 -33.53
N ALA A 1227 -4.38 29.25 -34.32
CA ALA A 1227 -5.28 30.30 -33.85
C ALA A 1227 -6.34 29.79 -32.85
N HIS A 1228 -6.62 30.58 -31.81
CA HIS A 1228 -7.42 30.20 -30.64
C HIS A 1228 -8.62 31.16 -30.51
N ARG A 1229 -8.62 32.05 -29.52
CA ARG A 1229 -9.33 33.33 -29.55
C ARG A 1229 -8.92 34.09 -30.82
N LEU A 1230 -9.77 34.14 -31.85
CA LEU A 1230 -9.40 34.75 -33.14
C LEU A 1230 -9.14 36.27 -33.05
N SER A 1231 -9.53 36.91 -31.95
CA SER A 1231 -9.16 38.29 -31.61
C SER A 1231 -7.77 38.44 -30.96
N THR A 1232 -6.98 37.37 -30.80
CA THR A 1232 -5.50 37.46 -30.79
C THR A 1232 -4.99 37.39 -32.24
N ILE A 1233 -4.66 36.21 -32.73
CA ILE A 1233 -4.00 36.01 -34.02
C ILE A 1233 -5.00 35.78 -35.17
N GLN A 1234 -5.24 36.83 -35.94
CA GLN A 1234 -5.85 36.79 -37.28
C GLN A 1234 -4.95 37.43 -38.36
N ASN A 1235 -3.80 37.98 -37.96
CA ASN A 1235 -2.79 38.53 -38.85
C ASN A 1235 -1.89 37.40 -39.40
N ALA A 1236 -2.08 37.02 -40.67
CA ALA A 1236 -1.19 36.11 -41.38
C ALA A 1236 -1.36 36.23 -42.90
N ASP A 1237 -0.25 36.08 -43.62
CA ASP A 1237 -0.16 36.05 -45.09
C ASP A 1237 -0.93 34.86 -45.69
N LEU A 1238 -0.98 33.71 -44.99
CA LEU A 1238 -1.86 32.58 -45.30
C LEU A 1238 -2.50 32.00 -44.03
N ILE A 1239 -3.82 31.80 -44.08
CA ILE A 1239 -4.62 31.05 -43.11
C ILE A 1239 -5.25 29.83 -43.81
N VAL A 1240 -5.41 28.72 -43.09
CA VAL A 1240 -6.06 27.48 -43.57
C VAL A 1240 -7.09 26.98 -42.55
N VAL A 1241 -8.30 26.67 -43.03
CA VAL A 1241 -9.37 26.04 -42.24
C VAL A 1241 -9.33 24.52 -42.42
N ILE A 1242 -8.82 23.80 -41.42
CA ILE A 1242 -8.69 22.33 -41.41
C ILE A 1242 -9.89 21.69 -40.68
N GLN A 1243 -10.98 21.46 -41.40
CA GLN A 1243 -12.16 20.75 -40.88
C GLN A 1243 -11.91 19.24 -40.83
N ASN A 1244 -11.91 18.66 -39.62
CA ASN A 1244 -11.80 17.22 -39.38
C ASN A 1244 -10.67 16.56 -40.20
N GLY A 1245 -9.53 17.26 -40.32
CA GLY A 1245 -8.32 16.79 -41.00
C GLY A 1245 -8.19 17.11 -42.50
N LYS A 1246 -9.07 17.93 -43.10
CA LYS A 1246 -8.98 18.38 -44.52
C LYS A 1246 -9.20 19.89 -44.63
N VAL A 1247 -8.62 20.52 -45.65
CA VAL A 1247 -8.86 21.95 -45.97
C VAL A 1247 -10.32 22.16 -46.41
N LYS A 1248 -10.98 23.21 -45.90
CA LYS A 1248 -12.31 23.65 -46.35
C LYS A 1248 -12.34 25.07 -46.95
N GLU A 1249 -11.52 25.98 -46.43
CA GLU A 1249 -11.15 27.25 -47.06
C GLU A 1249 -9.66 27.55 -46.76
N HIS A 1250 -9.06 28.44 -47.56
CA HIS A 1250 -7.74 29.02 -47.30
C HIS A 1250 -7.62 30.41 -47.94
N GLY A 1251 -6.54 31.13 -47.60
CA GLY A 1251 -6.19 32.43 -48.17
C GLY A 1251 -5.61 33.39 -47.12
N THR A 1252 -5.23 34.58 -47.54
CA THR A 1252 -4.93 35.70 -46.62
C THR A 1252 -6.23 36.16 -45.95
N HIS A 1253 -6.16 36.69 -44.71
CA HIS A 1253 -7.32 37.00 -43.85
C HIS A 1253 -8.49 37.71 -44.58
N GLN A 1254 -8.22 38.76 -45.36
CA GLN A 1254 -9.25 39.51 -46.08
C GLN A 1254 -9.95 38.69 -47.17
N GLN A 1255 -9.25 37.76 -47.82
CA GLN A 1255 -9.82 36.83 -48.81
C GLN A 1255 -10.76 35.81 -48.12
N LEU A 1256 -10.46 35.42 -46.89
CA LEU A 1256 -11.32 34.54 -46.08
C LEU A 1256 -12.49 35.29 -45.43
N LEU A 1257 -12.35 36.57 -45.10
CA LEU A 1257 -13.49 37.42 -44.71
C LEU A 1257 -14.49 37.61 -45.85
N ALA A 1258 -14.04 37.60 -47.10
CA ALA A 1258 -14.89 37.56 -48.29
C ALA A 1258 -15.56 36.18 -48.48
N GLN A 1259 -14.84 35.08 -48.26
CA GLN A 1259 -15.39 33.71 -48.32
C GLN A 1259 -16.41 33.47 -47.20
N LYS A 1260 -17.71 33.57 -47.52
CA LYS A 1260 -18.83 33.25 -46.61
C LYS A 1260 -19.05 31.75 -46.40
N GLY A 1261 -17.96 31.06 -46.05
CA GLY A 1261 -17.92 29.69 -45.58
C GLY A 1261 -17.60 29.62 -44.08
N ILE A 1262 -16.85 28.59 -43.68
CA ILE A 1262 -16.52 28.34 -42.27
C ILE A 1262 -15.72 29.50 -41.64
N TYR A 1263 -14.68 30.03 -42.31
CA TYR A 1263 -13.84 31.06 -41.68
C TYR A 1263 -14.64 32.29 -41.25
N PHE A 1264 -15.43 32.88 -42.16
CA PHE A 1264 -16.29 34.00 -41.79
C PHE A 1264 -17.33 33.58 -40.73
N SER A 1265 -17.86 32.35 -40.78
CA SER A 1265 -18.74 31.80 -39.73
C SER A 1265 -18.04 31.51 -38.38
N MET A 1266 -16.71 31.53 -38.31
CA MET A 1266 -15.92 31.46 -37.06
C MET A 1266 -15.48 32.85 -36.57
N VAL A 1267 -15.32 33.82 -37.47
CA VAL A 1267 -15.17 35.24 -37.11
C VAL A 1267 -16.48 35.81 -36.56
N SER A 1268 -17.59 35.60 -37.28
CA SER A 1268 -18.97 36.06 -37.00
C SER A 1268 -19.66 35.30 -35.83
N VAL A 1269 -18.88 35.02 -34.79
CA VAL A 1269 -19.26 34.36 -33.53
C VAL A 1269 -18.18 34.59 -32.44
N GLN A 1270 -16.94 34.89 -32.84
CA GLN A 1270 -15.98 35.61 -31.98
C GLN A 1270 -16.42 37.07 -31.76
N ALA A 1271 -17.01 37.70 -32.77
CA ALA A 1271 -17.58 39.05 -32.78
C ALA A 1271 -18.62 39.18 -33.93
O24 VX7 B . 14.57 -18.83 18.73
C23 VX7 B . 15.52 -19.38 18.16
C22 VX7 B . 16.78 -19.67 18.92
C21 VX7 B . 16.88 -19.37 20.30
C20 VX7 B . 18.07 -19.63 20.99
C19 VX7 B . 19.17 -20.18 20.32
C18 VX7 B . 19.08 -20.49 18.95
C17 VX7 B . 17.89 -20.24 18.25
N16 VX7 B . 17.79 -20.55 16.90
C15 VX7 B . 16.62 -20.30 16.19
C14 VX7 B . 15.50 -19.76 16.71
C12 VX7 B . 14.34 -19.48 15.83
O13 VX7 B . 13.48 -18.64 16.09
N11 VX7 B . 14.29 -20.23 14.72
C10 VX7 B . 13.31 -20.17 13.69
C09 VX7 B . 11.95 -20.27 14.05
C08 VX7 B . 10.92 -20.21 13.10
O25 VX7 B . 9.64 -20.33 13.56
C07 VX7 B . 11.23 -20.01 11.73
C26 VX7 B . 10.12 -19.79 10.66
C28 VX7 B . 10.69 -19.62 9.23
C29 VX7 B . 9.35 -18.49 10.98
C27 VX7 B . 9.14 -20.98 10.60
C06 VX7 B . 12.60 -19.98 11.37
C05 VX7 B . 13.67 -20.08 12.31
C02 VX7 B . 15.15 -20.07 11.81
C03 VX7 B . 15.28 -19.96 10.28
C04 VX7 B . 15.84 -21.40 12.19
C01 VX7 B . 15.93 -18.86 12.39
#